data_5IG5
#
_entry.id   5IG5
#
_cell.length_a   113.974
_cell.length_b   113.974
_cell.length_c   241.645
_cell.angle_alpha   90.00
_cell.angle_beta   90.00
_cell.angle_gamma   120.00
#
_symmetry.space_group_name_H-M   'P 31 2 1'
#
loop_
_entity.id
_entity.type
_entity.pdbx_description
1 polymer 'CaMKII-B hub'
2 water water
#
_entity_poly.entity_id   1
_entity_poly.type   'polypeptide(L)'
_entity_poly.pdbx_seq_one_letter_code
;GPHTIIEEDTESTKTQREQEIIRLTQQLITSITAKDFDSYSKLVDPKITAFEPEALGNQVEGLEFHKFYFDNLPNKRNTT
VNTTILAPHVQMLGEEGACISYVRLTQGIGPDGLPRTTQSEETRVWQKKKGVWLNVHFHRSVSRP
;
_entity_poly.pdbx_strand_id   A,F,C,D,E,B,G
#
# COMPACT_ATOMS: atom_id res chain seq x y z
N HIS A 3 -10.39 12.01 25.26
CA HIS A 3 -9.88 12.67 24.07
C HIS A 3 -8.66 13.52 24.38
N THR A 4 -7.52 13.19 23.77
CA THR A 4 -6.30 13.98 23.93
C THR A 4 -5.74 14.29 22.55
N ILE A 5 -5.46 15.56 22.30
CA ILE A 5 -4.87 16.03 21.06
C ILE A 5 -3.44 16.45 21.36
N ILE A 6 -2.48 15.74 20.78
CA ILE A 6 -1.06 15.98 21.01
C ILE A 6 -0.47 16.51 19.71
N GLU A 7 0.43 17.47 19.82
CA GLU A 7 1.09 18.03 18.64
C GLU A 7 2.59 17.87 18.77
N GLU A 8 3.25 17.49 17.69
CA GLU A 8 4.71 17.43 17.74
C GLU A 8 5.32 18.02 16.48
N ASP A 9 6.13 19.06 16.66
CA ASP A 9 6.99 19.58 15.61
C ASP A 9 8.37 18.95 15.76
N THR A 10 8.88 18.37 14.68
CA THR A 10 10.19 17.72 14.70
C THR A 10 11.23 18.68 15.26
N GLU A 11 11.20 19.92 14.81
CA GLU A 11 12.21 20.91 15.15
C GLU A 11 11.67 22.28 14.79
N SER A 12 12.21 23.31 15.46
CA SER A 12 12.02 24.73 15.17
C SER A 12 10.91 25.37 15.99
N THR A 13 10.98 26.69 16.13
CA THR A 13 9.94 27.47 16.78
C THR A 13 9.19 28.26 15.70
N LYS A 14 7.87 28.18 15.74
CA LYS A 14 7.02 28.92 14.82
C LYS A 14 6.96 30.38 15.22
N THR A 15 6.56 31.24 14.28
CA THR A 15 6.24 32.60 14.65
C THR A 15 4.98 32.61 15.52
N GLN A 16 4.76 33.74 16.20
CA GLN A 16 3.64 33.85 17.11
C GLN A 16 2.31 33.59 16.39
N ARG A 17 2.14 34.22 15.22
CA ARG A 17 0.92 34.04 14.44
C ARG A 17 0.66 32.56 14.14
N GLU A 18 1.61 31.90 13.49
CA GLU A 18 1.40 30.51 13.10
C GLU A 18 1.32 29.59 14.31
N GLN A 19 1.94 29.96 15.43
CA GLN A 19 1.67 29.26 16.69
C GLN A 19 0.17 29.34 17.02
N GLU A 20 -0.44 30.51 16.86
CA GLU A 20 -1.87 30.60 17.09
C GLU A 20 -2.64 29.74 16.09
N ILE A 21 -2.20 29.71 14.83
CA ILE A 21 -2.90 28.88 13.84
C ILE A 21 -2.88 27.42 14.27
N ILE A 22 -1.75 26.94 14.79
CA ILE A 22 -1.68 25.58 15.30
C ILE A 22 -2.66 25.40 16.46
N ARG A 23 -2.70 26.36 17.38
CA ARG A 23 -3.60 26.22 18.53
C ARG A 23 -5.06 26.16 18.09
N LEU A 24 -5.45 27.03 17.16
CA LEU A 24 -6.83 27.03 16.67
C LEU A 24 -7.17 25.71 16.00
N THR A 25 -6.24 25.17 15.20
CA THR A 25 -6.47 23.85 14.61
C THR A 25 -6.67 22.79 15.70
N GLN A 26 -5.86 22.85 16.75
CA GLN A 26 -5.99 21.90 17.86
C GLN A 26 -7.39 21.98 18.48
N GLN A 27 -7.86 23.21 18.74
CA GLN A 27 -9.20 23.37 19.29
C GLN A 27 -10.26 22.83 18.35
N LEU A 28 -10.07 23.01 17.03
CA LEU A 28 -11.02 22.49 16.07
C LEU A 28 -11.11 20.97 16.14
N ILE A 29 -9.95 20.30 16.09
CA ILE A 29 -9.94 18.84 16.17
C ILE A 29 -10.54 18.36 17.48
N THR A 30 -10.28 19.09 18.57
CA THR A 30 -10.92 18.77 19.84
C THR A 30 -12.44 18.84 19.71
N SER A 31 -12.96 19.91 19.08
CA SER A 31 -14.40 20.05 18.95
C SER A 31 -14.99 18.94 18.08
N ILE A 32 -14.22 18.41 17.14
CA ILE A 32 -14.70 17.27 16.36
C ILE A 32 -14.77 16.01 17.22
N THR A 33 -13.67 15.72 17.94
CA THR A 33 -13.65 14.51 18.75
C THR A 33 -14.70 14.56 19.86
N ALA A 34 -14.77 15.67 20.59
CA ALA A 34 -15.80 15.83 21.61
C ALA A 34 -17.19 16.04 21.03
N LYS A 35 -17.29 16.27 19.72
CA LYS A 35 -18.58 16.47 19.05
C LYS A 35 -19.36 17.62 19.67
N ASP A 36 -18.64 18.68 20.03
CA ASP A 36 -19.25 19.93 20.49
C ASP A 36 -19.42 20.83 19.28
N PHE A 37 -20.63 20.86 18.72
CA PHE A 37 -20.86 21.57 17.47
C PHE A 37 -20.79 23.09 17.66
N ASP A 38 -21.06 23.59 18.88
CA ASP A 38 -20.99 25.03 19.10
C ASP A 38 -19.55 25.53 18.94
N SER A 39 -18.59 24.83 19.55
CA SER A 39 -17.19 25.20 19.40
C SER A 39 -16.74 25.10 17.95
N TYR A 40 -17.06 23.98 17.30
CA TYR A 40 -16.76 23.79 15.89
C TYR A 40 -17.27 24.97 15.06
N SER A 41 -18.55 25.29 15.22
CA SER A 41 -19.15 26.40 14.45
C SER A 41 -18.45 27.72 14.75
N LYS A 42 -18.05 27.94 16.00
CA LYS A 42 -17.31 29.15 16.34
C LYS A 42 -15.99 29.21 15.58
N LEU A 43 -15.34 28.07 15.38
CA LEU A 43 -14.03 28.07 14.72
C LEU A 43 -14.12 27.99 13.20
N VAL A 44 -15.27 27.66 12.63
CA VAL A 44 -15.37 27.37 11.20
C VAL A 44 -16.31 28.37 10.54
N ASP A 45 -16.00 28.70 9.29
CA ASP A 45 -16.84 29.60 8.53
C ASP A 45 -18.15 28.91 8.16
N PRO A 46 -19.28 29.61 8.23
CA PRO A 46 -20.57 28.97 7.90
C PRO A 46 -20.66 28.51 6.46
N LYS A 47 -19.83 29.04 5.55
CA LYS A 47 -19.81 28.58 4.17
C LYS A 47 -18.47 27.93 3.85
N ILE A 48 -18.09 26.92 4.60
CA ILE A 48 -16.80 26.27 4.42
C ILE A 48 -16.92 25.19 3.35
N THR A 49 -15.99 25.21 2.39
CA THR A 49 -15.87 24.14 1.41
C THR A 49 -14.95 23.05 1.96
N ALA A 50 -15.16 21.83 1.46
CA ALA A 50 -14.53 20.66 2.06
C ALA A 50 -14.35 19.56 1.05
N PHE A 51 -13.21 18.86 1.17
CA PHE A 51 -12.87 17.64 0.46
C PHE A 51 -12.55 16.59 1.52
N GLU A 52 -13.42 15.61 1.69
CA GLU A 52 -13.19 14.52 2.63
C GLU A 52 -13.76 13.24 2.05
N PRO A 53 -13.28 12.08 2.52
CA PRO A 53 -13.81 10.81 2.00
C PRO A 53 -15.31 10.65 2.18
N GLU A 54 -15.88 11.26 3.22
CA GLU A 54 -17.33 11.23 3.39
C GLU A 54 -18.07 11.94 2.28
N ALA A 55 -17.38 12.76 1.49
CA ALA A 55 -17.99 13.48 0.37
C ALA A 55 -17.88 12.70 -0.94
N LEU A 56 -17.20 11.56 -0.95
CA LEU A 56 -17.12 10.69 -2.13
C LEU A 56 -16.55 11.43 -3.32
N GLY A 57 -15.42 12.11 -3.11
CA GLY A 57 -14.77 12.83 -4.19
C GLY A 57 -15.46 14.10 -4.62
N ASN A 58 -16.57 14.48 -3.98
CA ASN A 58 -17.21 15.76 -4.23
C ASN A 58 -16.68 16.82 -3.27
N GLN A 59 -16.98 18.07 -3.59
CA GLN A 59 -16.62 19.20 -2.75
C GLN A 59 -17.89 19.74 -2.11
N VAL A 60 -18.01 19.60 -0.80
CA VAL A 60 -19.24 19.99 -0.12
C VAL A 60 -19.03 21.38 0.50
N GLU A 61 -20.15 22.07 0.75
CA GLU A 61 -20.10 23.42 1.30
C GLU A 61 -21.15 23.55 2.39
N GLY A 62 -20.81 24.32 3.42
CA GLY A 62 -21.72 24.58 4.52
C GLY A 62 -21.43 23.70 5.73
N LEU A 63 -22.20 23.93 6.78
CA LEU A 63 -22.01 23.26 8.06
C LEU A 63 -22.90 22.05 8.26
N GLU A 64 -24.06 22.00 7.60
CA GLU A 64 -25.03 20.94 7.87
C GLU A 64 -24.46 19.57 7.54
N PHE A 65 -23.78 19.46 6.39
CA PHE A 65 -23.15 18.21 5.98
C PHE A 65 -22.29 17.63 7.10
N HIS A 66 -21.59 18.49 7.84
CA HIS A 66 -20.75 18.05 8.93
C HIS A 66 -21.52 17.91 10.24
N LYS A 67 -22.53 18.77 10.46
CA LYS A 67 -23.34 18.69 11.68
C LYS A 67 -24.02 17.33 11.82
N PHE A 68 -24.38 16.71 10.68
CA PHE A 68 -24.96 15.37 10.71
C PHE A 68 -24.15 14.41 11.56
N TYR A 69 -22.81 14.49 11.48
CA TYR A 69 -21.96 13.60 12.26
C TYR A 69 -21.89 13.99 13.72
N PHE A 70 -22.06 15.28 14.03
CA PHE A 70 -22.10 15.70 15.43
C PHE A 70 -23.32 15.16 16.15
N ASP A 71 -24.45 15.03 15.45
CA ASP A 71 -25.66 14.63 16.17
C ASP A 71 -25.88 13.12 16.25
N ASN A 72 -25.17 12.31 15.45
CA ASN A 72 -25.45 10.86 15.39
C ASN A 72 -24.14 10.09 15.29
N LEU A 73 -23.55 9.77 16.45
CA LEU A 73 -22.32 8.97 16.46
C LEU A 73 -22.10 8.06 17.70
N PRO A 74 -22.33 8.57 18.93
CA PRO A 74 -22.76 9.88 19.44
C PRO A 74 -21.59 10.83 19.69
N THR A 79 -15.44 7.37 23.37
CA THR A 79 -15.22 7.48 24.80
C THR A 79 -13.77 7.83 25.13
N THR A 80 -12.83 7.04 24.59
CA THR A 80 -11.40 7.27 24.78
C THR A 80 -10.71 7.10 23.43
N VAL A 81 -10.16 8.20 22.89
CA VAL A 81 -9.43 8.19 21.64
C VAL A 81 -8.25 9.15 21.78
N ASN A 82 -7.25 8.96 20.93
CA ASN A 82 -5.99 9.71 21.03
C ASN A 82 -5.61 10.24 19.65
N THR A 83 -5.73 11.55 19.47
CA THR A 83 -5.39 12.19 18.20
C THR A 83 -4.01 12.82 18.31
N THR A 84 -3.11 12.41 17.42
CA THR A 84 -1.74 12.90 17.35
C THR A 84 -1.54 13.65 16.04
N ILE A 85 -1.00 14.85 16.14
CA ILE A 85 -0.78 15.72 14.99
C ILE A 85 0.70 15.78 14.68
N LEU A 86 1.05 15.34 13.48
CA LEU A 86 2.41 15.10 13.03
C LEU A 86 2.82 16.14 12.00
N ALA A 87 3.98 16.75 12.24
CA ALA A 87 4.68 17.71 11.39
C ALA A 87 3.74 18.76 10.84
N PRO A 88 3.26 19.69 11.69
CA PRO A 88 2.41 20.77 11.17
C PRO A 88 3.26 21.77 10.39
N HIS A 89 2.92 21.96 9.13
CA HIS A 89 3.51 23.01 8.30
C HIS A 89 2.49 24.14 8.21
N VAL A 90 2.83 25.28 8.80
CA VAL A 90 1.99 26.47 8.76
C VAL A 90 2.67 27.51 7.89
N GLN A 91 1.94 27.99 6.90
CA GLN A 91 2.41 29.05 6.00
C GLN A 91 1.39 30.17 6.04
N MET A 92 1.80 31.32 6.56
CA MET A 92 0.92 32.48 6.59
C MET A 92 0.81 33.09 5.20
N LEU A 93 -0.35 33.65 4.91
CA LEU A 93 -0.65 34.28 3.63
C LEU A 93 -1.02 35.74 3.92
N GLY A 94 -0.01 36.61 3.86
CA GLY A 94 -0.23 38.00 4.19
C GLY A 94 -0.67 38.16 5.63
N GLU A 95 -1.70 38.98 5.83
CA GLU A 95 -2.24 39.25 7.16
C GLU A 95 -3.58 38.62 7.41
N GLU A 96 -4.34 38.29 6.36
CA GLU A 96 -5.68 37.75 6.50
C GLU A 96 -5.81 36.31 6.02
N GLY A 97 -4.70 35.67 5.62
CA GLY A 97 -4.75 34.29 5.21
C GLY A 97 -3.74 33.45 5.99
N ALA A 98 -4.03 32.16 6.06
CA ALA A 98 -3.13 31.19 6.67
C ALA A 98 -3.47 29.81 6.13
N CYS A 99 -2.46 28.95 6.03
CA CYS A 99 -2.66 27.59 5.56
C CYS A 99 -1.84 26.65 6.43
N ILE A 100 -2.50 25.70 7.08
CA ILE A 100 -1.82 24.70 7.89
C ILE A 100 -2.11 23.32 7.29
N SER A 101 -1.07 22.51 7.13
CA SER A 101 -1.23 21.16 6.63
C SER A 101 -0.43 20.20 7.50
N TYR A 102 -0.98 19.01 7.74
CA TYR A 102 -0.40 18.12 8.74
C TYR A 102 -0.89 16.70 8.50
N VAL A 103 -0.22 15.76 9.16
CA VAL A 103 -0.67 14.37 9.22
C VAL A 103 -1.39 14.17 10.53
N ARG A 104 -2.51 13.45 10.49
CA ARG A 104 -3.29 13.14 11.67
C ARG A 104 -3.32 11.63 11.89
N LEU A 105 -2.86 11.23 13.08
CA LEU A 105 -2.98 9.86 13.56
C LEU A 105 -4.10 9.80 14.59
N THR A 106 -4.89 8.72 14.55
CA THR A 106 -6.00 8.55 15.47
C THR A 106 -5.93 7.14 16.03
N GLN A 107 -5.71 7.03 17.34
CA GLN A 107 -5.75 5.77 18.05
C GLN A 107 -7.13 5.62 18.67
N GLY A 108 -7.76 4.46 18.44
CA GLY A 108 -9.08 4.24 18.99
C GLY A 108 -9.39 2.78 19.12
N ILE A 109 -10.63 2.51 19.53
CA ILE A 109 -11.15 1.16 19.68
C ILE A 109 -12.31 0.99 18.71
N GLY A 110 -12.23 -0.03 17.86
CA GLY A 110 -13.26 -0.29 16.89
C GLY A 110 -14.34 -1.21 17.44
N PRO A 111 -14.86 -2.10 16.59
CA PRO A 111 -15.90 -3.02 17.07
C PRO A 111 -15.39 -4.03 18.09
N ASP A 112 -14.13 -4.45 17.97
CA ASP A 112 -13.55 -5.40 18.90
C ASP A 112 -13.00 -4.66 20.13
N GLY A 113 -12.34 -5.41 21.00
CA GLY A 113 -11.61 -4.82 22.10
C GLY A 113 -10.17 -4.59 21.72
N LEU A 114 -9.92 -4.46 20.41
CA LEU A 114 -8.59 -4.31 19.83
C LEU A 114 -8.35 -2.87 19.39
N PRO A 115 -7.17 -2.32 19.67
CA PRO A 115 -6.89 -0.94 19.25
C PRO A 115 -6.51 -0.85 17.79
N ARG A 116 -7.02 0.18 17.13
CA ARG A 116 -6.73 0.43 15.73
C ARG A 116 -6.27 1.87 15.55
N THR A 117 -5.38 2.08 14.59
CA THR A 117 -4.81 3.38 14.28
C THR A 117 -5.18 3.76 12.85
N THR A 118 -5.59 5.02 12.68
CA THR A 118 -6.01 5.56 11.40
C THR A 118 -5.17 6.77 11.06
N GLN A 119 -4.70 6.86 9.81
CA GLN A 119 -3.91 7.99 9.36
C GLN A 119 -4.68 8.74 8.27
N SER A 120 -4.72 10.06 8.38
CA SER A 120 -5.28 10.91 7.34
C SER A 120 -4.41 12.14 7.19
N GLU A 121 -4.34 12.65 5.96
CA GLU A 121 -3.61 13.88 5.66
C GLU A 121 -4.61 15.01 5.54
N GLU A 122 -4.42 16.08 6.32
CA GLU A 122 -5.37 17.18 6.36
C GLU A 122 -4.69 18.48 5.96
N THR A 123 -5.43 19.33 5.25
CA THR A 123 -5.00 20.66 4.86
C THR A 123 -6.13 21.62 5.16
N ARG A 124 -5.92 22.53 6.11
CA ARG A 124 -6.91 23.52 6.47
C ARG A 124 -6.43 24.92 6.09
N VAL A 125 -7.37 25.73 5.64
CA VAL A 125 -7.12 27.09 5.18
C VAL A 125 -7.93 28.02 6.06
N TRP A 126 -7.24 28.94 6.74
CA TRP A 126 -7.83 29.88 7.68
C TRP A 126 -7.87 31.27 7.06
N GLN A 127 -8.99 31.96 7.26
CA GLN A 127 -9.18 33.33 6.80
C GLN A 127 -9.58 34.19 7.98
N LYS A 128 -8.90 35.32 8.15
CA LYS A 128 -9.19 36.24 9.24
C LYS A 128 -10.21 37.25 8.77
N LYS A 129 -11.43 37.18 9.32
CA LYS A 129 -12.51 38.08 8.97
C LYS A 129 -12.94 38.82 10.22
N LYS A 130 -12.84 40.15 10.19
CA LYS A 130 -13.22 41.01 11.32
C LYS A 130 -12.40 40.68 12.56
N GLY A 131 -11.13 40.33 12.36
CA GLY A 131 -10.25 40.04 13.48
C GLY A 131 -10.36 38.65 14.06
N VAL A 132 -11.16 37.76 13.46
CA VAL A 132 -11.34 36.42 13.95
C VAL A 132 -10.91 35.45 12.85
N TRP A 133 -10.10 34.46 13.22
CA TRP A 133 -9.73 33.41 12.28
C TRP A 133 -10.84 32.38 12.19
N LEU A 134 -11.26 32.07 10.97
CA LEU A 134 -12.23 31.02 10.70
C LEU A 134 -11.65 30.06 9.68
N ASN A 135 -11.96 28.77 9.82
CA ASN A 135 -11.59 27.80 8.81
C ASN A 135 -12.58 27.89 7.66
N VAL A 136 -12.07 28.18 6.46
CA VAL A 136 -12.91 28.37 5.29
C VAL A 136 -12.87 27.19 4.32
N HIS A 137 -11.84 26.35 4.38
CA HIS A 137 -11.73 25.20 3.50
C HIS A 137 -10.80 24.19 4.14
N PHE A 138 -11.17 22.91 4.09
CA PHE A 138 -10.27 21.86 4.52
C PHE A 138 -10.36 20.70 3.56
N HIS A 139 -9.29 19.90 3.57
CA HIS A 139 -9.08 18.84 2.58
C HIS A 139 -8.49 17.65 3.30
N ARG A 140 -9.27 16.58 3.44
CA ARG A 140 -8.87 15.39 4.17
C ARG A 140 -8.79 14.23 3.19
N SER A 141 -7.61 13.61 3.10
CA SER A 141 -7.42 12.44 2.26
C SER A 141 -6.82 11.32 3.08
N VAL A 142 -6.95 10.09 2.59
CA VAL A 142 -6.37 8.93 3.24
C VAL A 142 -5.61 8.12 2.18
N SER A 143 -4.41 7.69 2.53
CA SER A 143 -3.57 6.93 1.59
C SER A 143 -3.74 5.43 1.82
N PRO B 2 31.44 -17.61 -7.94
CA PRO B 2 31.28 -16.41 -7.12
C PRO B 2 30.39 -16.65 -5.91
N HIS B 3 30.93 -17.35 -4.90
CA HIS B 3 30.17 -17.67 -3.71
C HIS B 3 31.11 -17.79 -2.51
N THR B 4 30.64 -17.30 -1.36
CA THR B 4 31.42 -17.34 -0.13
C THR B 4 30.48 -17.54 1.04
N ILE B 5 30.96 -18.26 2.05
CA ILE B 5 30.16 -18.64 3.22
C ILE B 5 30.65 -17.82 4.41
N ILE B 6 29.72 -17.22 5.14
CA ILE B 6 30.03 -16.34 6.27
C ILE B 6 29.38 -16.91 7.52
N GLU B 7 30.15 -16.94 8.61
CA GLU B 7 29.65 -17.30 9.93
C GLU B 7 29.74 -16.07 10.83
N GLU B 8 28.81 -15.98 11.78
CA GLU B 8 28.82 -14.91 12.78
C GLU B 8 28.33 -15.49 14.10
N ASP B 9 29.27 -15.81 14.99
CA ASP B 9 28.91 -16.45 16.26
C ASP B 9 28.29 -15.45 17.23
N THR B 10 28.64 -14.16 17.10
CA THR B 10 28.33 -13.02 17.97
C THR B 10 29.50 -12.80 18.94
N GLU B 11 29.27 -12.01 20.00
CA GLU B 11 30.31 -11.79 21.00
C GLU B 11 30.71 -13.10 21.68
N SER B 12 29.82 -14.08 21.69
CA SER B 12 30.09 -15.37 22.31
C SER B 12 31.26 -16.08 21.61
N THR B 13 32.19 -16.59 22.41
CA THR B 13 33.29 -17.40 21.91
C THR B 13 33.03 -18.86 22.27
N LYS B 14 33.11 -19.73 21.27
CA LYS B 14 32.83 -21.14 21.44
C LYS B 14 34.09 -21.89 21.86
N THR B 15 33.91 -23.15 22.26
CA THR B 15 35.02 -24.04 22.53
C THR B 15 35.79 -24.32 21.25
N GLN B 16 37.09 -24.58 21.40
CA GLN B 16 37.92 -24.97 20.27
C GLN B 16 37.31 -26.14 19.50
N ARG B 17 36.83 -27.16 20.21
CA ARG B 17 36.12 -28.26 19.59
C ARG B 17 34.90 -27.77 18.82
N GLU B 18 34.02 -27.05 19.52
CA GLU B 18 32.85 -26.45 18.88
C GLU B 18 33.26 -25.64 17.66
N GLN B 19 34.33 -24.84 17.80
CA GLN B 19 34.83 -24.07 16.67
C GLN B 19 35.17 -24.97 15.48
N GLU B 20 35.76 -26.14 15.74
CA GLU B 20 36.06 -27.04 14.62
C GLU B 20 34.78 -27.57 13.99
N ILE B 21 33.77 -27.90 14.80
CA ILE B 21 32.51 -28.37 14.21
C ILE B 21 31.93 -27.29 13.32
N ILE B 22 32.00 -26.02 13.75
CA ILE B 22 31.50 -24.92 12.94
C ILE B 22 32.28 -24.83 11.62
N ARG B 23 33.61 -24.93 11.70
CA ARG B 23 34.43 -24.84 10.50
C ARG B 23 34.11 -25.97 9.52
N LEU B 24 33.97 -27.20 10.03
CA LEU B 24 33.63 -28.32 9.17
C LEU B 24 32.28 -28.12 8.50
N THR B 25 31.28 -27.69 9.27
CA THR B 25 29.97 -27.37 8.69
C THR B 25 30.11 -26.35 7.57
N GLN B 26 30.93 -25.32 7.78
CA GLN B 26 31.17 -24.33 6.74
C GLN B 26 31.73 -24.98 5.48
N GLN B 27 32.72 -25.87 5.64
CA GLN B 27 33.27 -26.56 4.48
C GLN B 27 32.21 -27.35 3.74
N LEU B 28 31.33 -28.04 4.49
CA LEU B 28 30.26 -28.81 3.87
C LEU B 28 29.35 -27.91 3.04
N ILE B 29 28.88 -26.82 3.62
CA ILE B 29 28.02 -25.89 2.89
C ILE B 29 28.74 -25.37 1.65
N THR B 30 30.04 -25.13 1.75
CA THR B 30 30.81 -24.72 0.58
C THR B 30 30.76 -25.79 -0.50
N SER B 31 30.87 -27.06 -0.10
CA SER B 31 30.72 -28.15 -1.06
C SER B 31 29.37 -28.09 -1.76
N ILE B 32 28.32 -27.80 -0.99
CA ILE B 32 26.97 -27.81 -1.57
C ILE B 32 26.79 -26.67 -2.55
N THR B 33 27.17 -25.45 -2.17
CA THR B 33 26.97 -24.30 -3.05
C THR B 33 27.87 -24.39 -4.28
N ALA B 34 29.10 -24.87 -4.10
CA ALA B 34 30.02 -25.02 -5.23
C ALA B 34 29.78 -26.31 -6.02
N LYS B 35 28.94 -27.22 -5.50
CA LYS B 35 28.61 -28.46 -6.18
C LYS B 35 29.85 -29.29 -6.47
N ASP B 36 30.77 -29.33 -5.51
CA ASP B 36 31.95 -30.19 -5.55
C ASP B 36 31.64 -31.44 -4.74
N PHE B 37 31.28 -32.53 -5.43
CA PHE B 37 30.79 -33.71 -4.72
C PHE B 37 31.90 -34.46 -4.01
N ASP B 38 33.15 -34.33 -4.46
CA ASP B 38 34.24 -35.01 -3.76
C ASP B 38 34.44 -34.42 -2.37
N SER B 39 34.53 -33.09 -2.29
CA SER B 39 34.66 -32.42 -0.99
C SER B 39 33.45 -32.70 -0.10
N TYR B 40 32.25 -32.74 -0.69
CA TYR B 40 31.07 -33.09 0.07
C TYR B 40 31.20 -34.50 0.64
N SER B 41 31.58 -35.46 -0.20
CA SER B 41 31.65 -36.85 0.21
C SER B 41 32.68 -37.08 1.30
N LYS B 42 33.78 -36.31 1.28
CA LYS B 42 34.79 -36.48 2.31
C LYS B 42 34.28 -36.13 3.70
N LEU B 43 33.36 -35.17 3.80
CA LEU B 43 32.88 -34.70 5.10
C LEU B 43 31.62 -35.39 5.58
N VAL B 44 30.94 -36.14 4.71
CA VAL B 44 29.65 -36.72 5.03
C VAL B 44 29.78 -38.24 5.03
N ASP B 45 29.04 -38.89 5.95
CA ASP B 45 29.10 -40.34 6.07
C ASP B 45 28.29 -40.99 4.94
N PRO B 46 28.81 -42.07 4.35
CA PRO B 46 28.09 -42.69 3.22
C PRO B 46 26.71 -43.22 3.57
N LYS B 47 26.41 -43.41 4.86
CA LYS B 47 25.09 -43.84 5.28
C LYS B 47 24.36 -42.75 6.06
N ILE B 48 24.39 -41.52 5.54
CA ILE B 48 23.79 -40.40 6.24
C ILE B 48 22.28 -40.42 6.02
N THR B 49 21.54 -40.23 7.11
CA THR B 49 20.10 -40.05 7.04
C THR B 49 19.76 -38.57 6.95
N ALA B 50 18.66 -38.25 6.26
CA ALA B 50 18.34 -36.87 5.95
C ALA B 50 16.85 -36.61 6.07
N PHE B 51 16.52 -35.38 6.46
CA PHE B 51 15.16 -34.85 6.48
C PHE B 51 15.22 -33.48 5.81
N GLU B 52 14.80 -33.40 4.56
CA GLU B 52 14.83 -32.14 3.83
C GLU B 52 13.58 -32.02 2.97
N PRO B 53 13.20 -30.80 2.58
CA PRO B 53 11.98 -30.63 1.78
C PRO B 53 12.00 -31.37 0.45
N GLU B 54 13.19 -31.66 -0.09
CA GLU B 54 13.28 -32.46 -1.30
C GLU B 54 12.92 -33.92 -1.06
N ALA B 55 12.72 -34.33 0.20
CA ALA B 55 12.35 -35.69 0.54
C ALA B 55 10.85 -35.85 0.77
N LEU B 56 10.09 -34.76 0.78
CA LEU B 56 8.63 -34.78 0.84
C LEU B 56 8.14 -35.52 2.09
N GLY B 57 8.75 -35.22 3.22
CA GLY B 57 8.35 -35.84 4.46
C GLY B 57 8.86 -37.24 4.68
N ASN B 58 9.65 -37.78 3.75
CA ASN B 58 10.31 -39.06 3.95
C ASN B 58 11.71 -38.84 4.52
N GLN B 59 12.27 -39.90 5.07
CA GLN B 59 13.66 -39.91 5.50
C GLN B 59 14.47 -40.72 4.50
N VAL B 60 15.55 -40.13 4.01
CA VAL B 60 16.36 -40.73 2.96
C VAL B 60 17.72 -41.10 3.53
N GLU B 61 18.34 -42.12 2.94
CA GLU B 61 19.64 -42.63 3.35
C GLU B 61 20.55 -42.76 2.14
N GLY B 62 21.82 -42.45 2.32
CA GLY B 62 22.80 -42.59 1.27
C GLY B 62 23.11 -41.27 0.59
N LEU B 63 24.13 -41.32 -0.27
CA LEU B 63 24.62 -40.13 -0.95
C LEU B 63 23.96 -39.89 -2.30
N GLU B 64 23.48 -40.95 -2.95
CA GLU B 64 22.98 -40.83 -4.32
C GLU B 64 21.84 -39.83 -4.42
N PHE B 65 20.98 -39.78 -3.41
CA PHE B 65 19.85 -38.87 -3.42
C PHE B 65 20.31 -37.41 -3.54
N HIS B 66 21.46 -37.08 -2.98
CA HIS B 66 22.02 -35.74 -3.07
C HIS B 66 23.00 -35.58 -4.23
N LYS B 67 23.73 -36.66 -4.55
CA LYS B 67 24.56 -36.66 -5.75
C LYS B 67 23.74 -36.37 -7.00
N PHE B 68 22.43 -36.67 -6.96
CA PHE B 68 21.55 -36.21 -8.03
C PHE B 68 21.63 -34.70 -8.19
N TYR B 69 21.68 -33.96 -7.08
CA TYR B 69 21.76 -32.51 -7.16
C TYR B 69 23.15 -32.03 -7.53
N PHE B 70 24.19 -32.79 -7.18
CA PHE B 70 25.53 -32.40 -7.63
C PHE B 70 25.68 -32.59 -9.14
N ASP B 71 25.31 -33.77 -9.64
CA ASP B 71 25.54 -34.08 -11.05
C ASP B 71 24.62 -33.29 -11.97
N ASN B 72 23.45 -32.87 -11.48
CA ASN B 72 22.54 -32.04 -12.23
C ASN B 72 22.55 -30.64 -11.63
N LEU B 73 21.48 -29.87 -11.89
CA LEU B 73 21.36 -28.47 -11.49
C LEU B 73 22.37 -27.64 -12.29
N PRO B 74 22.15 -26.33 -12.45
CA PRO B 74 23.17 -25.50 -13.10
C PRO B 74 24.51 -25.64 -12.40
N ASN B 75 25.59 -25.50 -13.18
CA ASN B 75 26.96 -25.65 -12.69
C ASN B 75 27.20 -24.81 -11.44
N LYS B 76 27.47 -23.52 -11.63
CA LYS B 76 27.59 -22.52 -10.58
C LYS B 76 28.05 -21.23 -11.22
N ARG B 77 28.48 -21.31 -12.49
CA ARG B 77 29.00 -20.14 -13.18
C ARG B 77 27.89 -19.16 -13.52
N ASN B 78 26.66 -19.63 -13.68
CA ASN B 78 25.59 -18.78 -14.20
C ASN B 78 25.28 -17.63 -13.25
N THR B 79 25.30 -17.88 -11.94
CA THR B 79 24.86 -16.90 -10.96
C THR B 79 25.81 -16.88 -9.77
N THR B 80 25.56 -15.91 -8.89
CA THR B 80 26.36 -15.69 -7.69
C THR B 80 25.49 -15.83 -6.45
N VAL B 81 26.04 -16.46 -5.41
CA VAL B 81 25.31 -16.79 -4.19
C VAL B 81 26.11 -16.29 -2.99
N ASN B 82 25.40 -16.05 -1.88
CA ASN B 82 26.05 -15.58 -0.65
C ASN B 82 25.30 -16.18 0.54
N THR B 83 25.83 -17.26 1.11
CA THR B 83 25.23 -17.89 2.27
C THR B 83 25.83 -17.35 3.56
N THR B 84 25.03 -17.42 4.62
CA THR B 84 25.34 -16.83 5.91
C THR B 84 24.80 -17.75 6.99
N ILE B 85 25.61 -18.03 8.00
CA ILE B 85 25.22 -18.89 9.11
C ILE B 85 24.91 -18.03 10.32
N LEU B 86 23.67 -18.10 10.79
CA LEU B 86 23.15 -17.28 11.87
C LEU B 86 23.05 -18.10 13.14
N ALA B 87 23.67 -17.58 14.20
CA ALA B 87 23.65 -18.07 15.58
C ALA B 87 23.90 -19.56 15.65
N PRO B 88 25.10 -20.03 15.30
CA PRO B 88 25.35 -21.47 15.35
C PRO B 88 25.47 -21.96 16.79
N HIS B 89 24.56 -22.84 17.20
N HIS B 89 24.50 -22.76 17.23
CA HIS B 89 24.62 -23.46 18.52
CA HIS B 89 24.61 -23.49 18.49
C HIS B 89 25.21 -24.86 18.38
C HIS B 89 25.34 -24.79 18.22
N VAL B 90 26.35 -25.09 19.03
CA VAL B 90 27.07 -26.35 18.94
C VAL B 90 27.07 -27.00 20.31
N GLN B 91 26.57 -28.24 20.38
CA GLN B 91 26.52 -29.02 21.60
C GLN B 91 27.36 -30.26 21.41
N MET B 92 28.47 -30.35 22.15
CA MET B 92 29.31 -31.53 22.08
C MET B 92 28.65 -32.69 22.83
N LEU B 93 28.80 -33.88 22.28
CA LEU B 93 28.21 -35.10 22.83
C LEU B 93 29.36 -36.07 23.09
N GLY B 94 29.93 -35.97 24.29
CA GLY B 94 31.07 -36.80 24.63
C GLY B 94 32.26 -36.48 23.75
N GLU B 95 33.02 -37.53 23.42
CA GLU B 95 34.21 -37.38 22.60
C GLU B 95 33.98 -37.69 21.13
N GLU B 96 32.90 -38.41 20.81
CA GLU B 96 32.67 -38.88 19.45
C GLU B 96 31.41 -38.32 18.80
N GLY B 97 30.62 -37.52 19.52
CA GLY B 97 29.41 -36.95 18.96
C GLY B 97 29.42 -35.43 19.05
N ALA B 98 28.67 -34.80 18.15
CA ALA B 98 28.47 -33.37 18.20
C ALA B 98 27.21 -33.03 17.43
N CYS B 99 26.53 -31.96 17.84
CA CYS B 99 25.28 -31.56 17.22
C CYS B 99 25.29 -30.04 17.05
N ILE B 100 25.32 -29.58 15.80
CA ILE B 100 25.32 -28.16 15.49
C ILE B 100 24.00 -27.82 14.81
N SER B 101 23.34 -26.76 15.29
CA SER B 101 22.08 -26.30 14.73
C SER B 101 22.16 -24.80 14.51
N TYR B 102 21.66 -24.34 13.36
CA TYR B 102 21.87 -22.96 12.95
C TYR B 102 20.79 -22.54 11.98
N VAL B 103 20.72 -21.23 11.74
CA VAL B 103 19.82 -20.66 10.75
C VAL B 103 20.62 -20.29 9.51
N ARG B 104 20.18 -20.77 8.36
CA ARG B 104 20.88 -20.60 7.10
C ARG B 104 20.18 -19.54 6.26
N LEU B 105 20.87 -18.43 6.00
CA LEU B 105 20.33 -17.32 5.23
C LEU B 105 21.12 -17.22 3.93
N THR B 106 20.42 -17.37 2.80
CA THR B 106 21.04 -17.45 1.50
C THR B 106 20.58 -16.31 0.61
N GLN B 107 21.52 -15.56 0.07
CA GLN B 107 21.23 -14.45 -0.83
C GLN B 107 21.57 -14.86 -2.25
N GLY B 108 20.69 -14.51 -3.19
CA GLY B 108 20.95 -14.89 -4.56
C GLY B 108 20.14 -14.13 -5.57
N ILE B 109 20.22 -14.59 -6.81
CA ILE B 109 19.52 -14.00 -7.95
C ILE B 109 18.57 -15.04 -8.53
N GLY B 110 17.32 -14.65 -8.76
CA GLY B 110 16.30 -15.56 -9.23
C GLY B 110 16.29 -15.69 -10.74
N PRO B 111 15.10 -15.91 -11.31
CA PRO B 111 15.03 -16.07 -12.78
C PRO B 111 15.46 -14.84 -13.53
N ASP B 112 14.93 -13.68 -13.18
CA ASP B 112 15.39 -12.41 -13.73
C ASP B 112 16.55 -11.92 -12.88
N GLY B 113 16.96 -10.67 -13.08
CA GLY B 113 17.99 -10.07 -12.23
C GLY B 113 17.42 -9.60 -10.90
N LEU B 114 16.75 -10.50 -10.19
CA LEU B 114 16.05 -10.16 -8.95
C LEU B 114 16.82 -10.68 -7.76
N PRO B 115 17.19 -9.83 -6.79
CA PRO B 115 17.85 -10.33 -5.59
C PRO B 115 16.83 -10.83 -4.58
N ARG B 116 17.01 -12.07 -4.12
CA ARG B 116 16.10 -12.65 -3.15
C ARG B 116 16.89 -13.35 -2.04
N THR B 117 16.23 -13.46 -0.89
CA THR B 117 16.80 -14.06 0.31
C THR B 117 15.94 -15.24 0.75
N THR B 118 16.60 -16.33 1.14
CA THR B 118 15.96 -17.56 1.56
C THR B 118 16.46 -17.96 2.93
N GLN B 119 15.55 -18.40 3.80
CA GLN B 119 15.92 -18.83 5.14
C GLN B 119 15.52 -20.29 5.31
N SER B 120 16.42 -21.07 5.92
CA SER B 120 16.15 -22.46 6.24
C SER B 120 16.78 -22.76 7.60
N GLU B 121 16.17 -23.67 8.35
CA GLU B 121 16.66 -24.06 9.66
C GLU B 121 17.33 -25.42 9.55
N GLU B 122 18.59 -25.51 9.95
CA GLU B 122 19.37 -26.73 9.74
C GLU B 122 19.89 -27.30 11.05
N THR B 123 19.77 -28.62 11.19
CA THR B 123 20.38 -29.38 12.27
C THR B 123 21.29 -30.44 11.65
N ARG B 124 22.57 -30.40 11.99
CA ARG B 124 23.55 -31.36 11.49
C ARG B 124 24.22 -32.05 12.66
N VAL B 125 24.27 -33.38 12.58
CA VAL B 125 24.86 -34.23 13.61
C VAL B 125 26.15 -34.81 13.06
N TRP B 126 27.23 -34.65 13.82
CA TRP B 126 28.56 -35.12 13.44
C TRP B 126 28.99 -36.26 14.35
N GLN B 127 29.65 -37.25 13.77
CA GLN B 127 30.20 -38.38 14.51
C GLN B 127 31.69 -38.48 14.21
N LYS B 128 32.49 -38.62 15.27
CA LYS B 128 33.94 -38.77 15.13
C LYS B 128 34.24 -40.24 14.90
N LYS B 129 34.41 -40.62 13.63
CA LYS B 129 34.64 -42.00 13.26
C LYS B 129 36.13 -42.17 12.93
N LYS B 130 36.86 -42.88 13.81
CA LYS B 130 38.28 -43.15 13.63
C LYS B 130 39.07 -41.85 13.46
N GLY B 131 38.81 -40.90 14.36
CA GLY B 131 39.53 -39.64 14.38
C GLY B 131 39.13 -38.65 13.32
N VAL B 132 38.08 -38.92 12.57
CA VAL B 132 37.60 -38.03 11.51
C VAL B 132 36.12 -37.75 11.75
N TRP B 133 35.77 -36.47 11.83
CA TRP B 133 34.37 -36.10 12.00
C TRP B 133 33.64 -36.24 10.67
N LEU B 134 32.48 -36.89 10.70
CA LEU B 134 31.64 -37.05 9.53
C LEU B 134 30.22 -36.64 9.88
N ASN B 135 29.50 -36.12 8.88
CA ASN B 135 28.10 -35.76 9.04
C ASN B 135 27.25 -37.02 8.84
N VAL B 136 26.61 -37.48 9.91
CA VAL B 136 25.85 -38.72 9.86
C VAL B 136 24.35 -38.49 9.69
N HIS B 137 23.86 -37.28 9.94
CA HIS B 137 22.44 -36.98 9.82
C HIS B 137 22.27 -35.47 9.74
N PHE B 138 21.37 -35.03 8.86
CA PHE B 138 20.99 -33.62 8.84
C PHE B 138 19.50 -33.51 8.59
N HIS B 139 18.96 -32.37 9.01
CA HIS B 139 17.52 -32.11 9.03
C HIS B 139 17.34 -30.65 8.67
N ARG B 140 16.74 -30.39 7.51
CA ARG B 140 16.59 -29.04 6.98
C ARG B 140 15.10 -28.75 6.82
N SER B 141 14.63 -27.68 7.45
CA SER B 141 13.24 -27.28 7.36
C SER B 141 13.15 -25.84 6.88
N VAL B 142 11.95 -25.43 6.47
CA VAL B 142 11.68 -24.06 6.05
C VAL B 142 10.37 -23.62 6.70
N SER B 143 10.36 -22.38 7.20
CA SER B 143 9.18 -21.88 7.89
C SER B 143 8.09 -21.49 6.89
N ARG B 144 6.84 -21.52 7.36
CA ARG B 144 5.69 -21.24 6.51
C ARG B 144 5.23 -19.80 6.64
N HIS C 3 2.73 -13.84 33.34
CA HIS C 3 3.72 -13.02 32.67
C HIS C 3 5.14 -13.38 33.09
N THR C 4 5.84 -14.11 32.23
CA THR C 4 7.24 -14.46 32.48
C THR C 4 8.07 -14.07 31.26
N ILE C 5 9.26 -13.52 31.52
CA ILE C 5 10.16 -13.05 30.48
C ILE C 5 11.47 -13.81 30.58
N ILE C 6 12.01 -14.22 29.44
CA ILE C 6 13.22 -15.03 29.37
C ILE C 6 14.17 -14.40 28.37
N GLU C 7 15.42 -14.23 28.76
CA GLU C 7 16.47 -13.79 27.87
C GLU C 7 17.28 -14.99 27.39
N GLU C 8 17.85 -14.87 26.19
CA GLU C 8 18.58 -15.95 25.55
C GLU C 8 19.84 -15.34 24.92
N ASP C 9 20.88 -15.18 25.75
CA ASP C 9 22.13 -14.60 25.28
C ASP C 9 22.86 -15.49 24.29
N THR C 10 22.47 -16.77 24.20
CA THR C 10 23.34 -17.90 23.88
C THR C 10 24.23 -18.13 25.09
N GLU C 11 25.09 -19.14 25.06
CA GLU C 11 25.94 -19.43 26.22
C GLU C 11 27.13 -18.47 26.22
N SER C 12 26.81 -17.20 26.51
CA SER C 12 27.79 -16.12 26.57
C SER C 12 27.50 -15.25 27.78
N THR C 13 28.52 -14.52 28.21
CA THR C 13 28.39 -13.53 29.27
C THR C 13 28.85 -12.18 28.73
N LYS C 14 27.97 -11.18 28.87
CA LYS C 14 28.31 -9.83 28.43
C LYS C 14 29.11 -9.11 29.52
N THR C 15 29.67 -7.96 29.15
CA THR C 15 30.38 -7.16 30.14
C THR C 15 29.39 -6.56 31.13
N GLN C 16 29.91 -6.14 32.28
CA GLN C 16 29.05 -5.67 33.36
C GLN C 16 28.21 -4.47 32.94
N ARG C 17 28.71 -3.64 32.02
CA ARG C 17 27.97 -2.46 31.62
C ARG C 17 26.79 -2.83 30.72
N GLU C 18 27.03 -3.67 29.70
CA GLU C 18 25.94 -4.03 28.79
C GLU C 18 24.96 -5.00 29.43
N GLN C 19 25.42 -5.78 30.41
CA GLN C 19 24.50 -6.66 31.14
C GLN C 19 23.38 -5.87 31.80
N GLU C 20 23.70 -4.68 32.32
CA GLU C 20 22.64 -3.85 32.91
C GLU C 20 21.69 -3.34 31.84
N ILE C 21 22.19 -3.05 30.64
CA ILE C 21 21.30 -2.71 29.53
C ILE C 21 20.32 -3.85 29.29
N ILE C 22 20.80 -5.08 29.36
CA ILE C 22 19.92 -6.23 29.15
C ILE C 22 18.87 -6.32 30.26
N ARG C 23 19.30 -6.17 31.52
CA ARG C 23 18.36 -6.27 32.64
C ARG C 23 17.30 -5.17 32.56
N LEU C 24 17.74 -3.94 32.31
CA LEU C 24 16.81 -2.81 32.18
C LEU C 24 15.83 -3.03 31.04
N THR C 25 16.30 -3.55 29.90
CA THR C 25 15.40 -3.88 28.82
C THR C 25 14.35 -4.90 29.26
N GLN C 26 14.78 -5.92 30.03
CA GLN C 26 13.81 -6.88 30.56
C GLN C 26 12.76 -6.19 31.42
N GLN C 27 13.18 -5.22 32.25
CA GLN C 27 12.22 -4.51 33.07
C GLN C 27 11.25 -3.70 32.22
N LEU C 28 11.75 -3.13 31.12
CA LEU C 28 10.89 -2.36 30.22
C LEU C 28 9.83 -3.26 29.58
N ILE C 29 10.26 -4.37 28.99
CA ILE C 29 9.31 -5.32 28.40
C ILE C 29 8.37 -5.86 29.47
N THR C 30 8.83 -5.95 30.73
CA THR C 30 7.97 -6.37 31.81
C THR C 30 6.84 -5.37 32.03
N SER C 31 7.20 -4.09 32.13
CA SER C 31 6.16 -3.05 32.28
C SER C 31 5.23 -3.04 31.08
N ILE C 32 5.70 -3.43 29.90
CA ILE C 32 4.83 -3.45 28.73
C ILE C 32 3.83 -4.61 28.81
N THR C 33 4.33 -5.81 29.12
CA THR C 33 3.45 -6.98 29.15
C THR C 33 2.49 -6.92 30.33
N ALA C 34 2.95 -6.40 31.47
CA ALA C 34 2.10 -6.28 32.65
C ALA C 34 1.23 -5.02 32.64
N LYS C 35 1.41 -4.15 31.65
CA LYS C 35 0.64 -2.91 31.52
C LYS C 35 0.81 -2.03 32.77
N ASP C 36 2.04 -1.96 33.27
CA ASP C 36 2.38 -1.13 34.42
C ASP C 36 3.07 0.12 33.90
N PHE C 37 2.29 1.21 33.78
CA PHE C 37 2.82 2.42 33.17
C PHE C 37 3.81 3.16 34.07
N ASP C 38 3.76 2.93 35.38
CA ASP C 38 4.66 3.66 36.28
C ASP C 38 6.11 3.28 36.04
N SER C 39 6.43 1.99 36.13
CA SER C 39 7.78 1.52 35.81
C SER C 39 8.18 1.91 34.39
N TYR C 40 7.24 1.80 33.44
CA TYR C 40 7.51 2.20 32.06
C TYR C 40 7.98 3.65 32.00
N SER C 41 7.25 4.56 32.68
CA SER C 41 7.61 5.97 32.63
C SER C 41 8.94 6.22 33.35
N LYS C 42 9.26 5.44 34.39
CA LYS C 42 10.55 5.62 35.02
C LYS C 42 11.70 5.18 34.13
N LEU C 43 11.48 4.18 33.27
CA LEU C 43 12.56 3.68 32.43
C LEU C 43 12.67 4.40 31.08
N VAL C 44 11.71 5.25 30.72
CA VAL C 44 11.63 5.82 29.38
C VAL C 44 11.69 7.33 29.47
N ASP C 45 12.46 7.95 28.57
CA ASP C 45 12.54 9.39 28.50
C ASP C 45 11.22 9.98 28.01
N PRO C 46 10.78 11.11 28.56
CA PRO C 46 9.49 11.68 28.13
C PRO C 46 9.47 12.13 26.67
N LYS C 47 10.62 12.37 26.05
CA LYS C 47 10.64 12.77 24.64
C LYS C 47 11.19 11.64 23.77
N ILE C 48 10.60 10.45 23.89
CA ILE C 48 11.12 9.27 23.20
C ILE C 48 10.52 9.19 21.81
N THR C 49 11.39 9.14 20.80
CA THR C 49 10.94 8.88 19.44
C THR C 49 10.75 7.38 19.24
N ALA C 50 9.85 7.04 18.32
CA ALA C 50 9.37 5.67 18.22
C ALA C 50 8.96 5.34 16.78
N PHE C 51 9.35 4.14 16.36
CA PHE C 51 8.98 3.53 15.08
C PHE C 51 8.36 2.18 15.37
N GLU C 52 7.05 2.06 15.18
CA GLU C 52 6.37 0.80 15.49
C GLU C 52 5.20 0.64 14.53
N PRO C 53 4.76 -0.59 14.28
CA PRO C 53 3.63 -0.81 13.35
C PRO C 53 2.35 -0.12 13.77
N GLU C 54 2.18 0.18 15.06
CA GLU C 54 1.01 0.94 15.49
C GLU C 54 1.06 2.38 15.00
N ALA C 55 2.24 2.87 14.61
CA ALA C 55 2.41 4.24 14.15
C ALA C 55 2.24 4.38 12.64
N LEU C 56 1.99 3.27 11.94
CA LEU C 56 1.68 3.29 10.50
C LEU C 56 2.78 3.97 9.69
N GLY C 57 4.02 3.54 9.91
CA GLY C 57 5.13 4.07 9.17
C GLY C 57 5.52 5.50 9.50
N ASN C 58 4.85 6.13 10.45
CA ASN C 58 5.22 7.45 10.95
C ASN C 58 6.06 7.31 12.21
N GLN C 59 6.83 8.35 12.51
CA GLN C 59 7.65 8.40 13.70
C GLN C 59 6.94 9.23 14.77
N VAL C 60 6.62 8.61 15.89
CA VAL C 60 5.88 9.30 16.94
C VAL C 60 6.84 9.67 18.07
N GLU C 61 6.42 10.63 18.89
CA GLU C 61 7.25 11.07 20.01
C GLU C 61 6.37 11.30 21.22
N GLY C 62 6.93 11.01 22.39
CA GLY C 62 6.22 11.19 23.65
C GLY C 62 5.73 9.88 24.21
N LEU C 63 5.11 9.99 25.40
CA LEU C 63 4.57 8.83 26.10
C LEU C 63 3.08 8.65 25.87
N GLU C 64 2.37 9.71 25.47
CA GLU C 64 0.92 9.62 25.34
C GLU C 64 0.51 8.59 24.31
N PHE C 65 1.23 8.54 23.19
CA PHE C 65 0.93 7.55 22.15
C PHE C 65 1.02 6.14 22.70
N HIS C 66 1.99 5.87 23.57
CA HIS C 66 2.11 4.56 24.18
C HIS C 66 1.20 4.40 25.39
N LYS C 67 0.97 5.48 26.14
CA LYS C 67 0.06 5.39 27.28
C LYS C 67 -1.35 5.04 26.85
N PHE C 68 -1.72 5.38 25.60
CA PHE C 68 -3.02 4.94 25.09
C PHE C 68 -3.16 3.43 25.16
N TYR C 69 -2.06 2.69 24.99
CA TYR C 69 -2.12 1.23 24.96
C TYR C 69 -2.14 0.63 26.35
N PHE C 70 -1.66 1.34 27.36
CA PHE C 70 -1.68 0.81 28.72
C PHE C 70 -3.08 0.81 29.33
N ASP C 71 -4.00 1.60 28.78
CA ASP C 71 -5.30 1.83 29.40
C ASP C 71 -6.40 0.92 28.84
N ASN C 72 -6.05 -0.09 28.04
CA ASN C 72 -7.06 -0.92 27.39
C ASN C 72 -6.63 -2.38 27.44
N LEU C 73 -7.50 -3.23 28.02
CA LEU C 73 -7.40 -4.69 28.19
C LEU C 73 -6.60 -5.04 29.44
N PRO C 74 -6.91 -6.16 30.10
CA PRO C 74 -6.25 -6.59 31.35
C PRO C 74 -4.84 -7.16 31.11
N THR C 80 -1.98 -14.49 30.08
CA THR C 80 -1.09 -15.61 29.83
C THR C 80 -0.24 -15.38 28.58
N VAL C 81 1.00 -14.94 28.80
CA VAL C 81 1.91 -14.60 27.72
C VAL C 81 3.32 -15.07 28.08
N ASN C 82 4.13 -15.30 27.05
CA ASN C 82 5.51 -15.73 27.23
C ASN C 82 6.39 -15.06 26.17
N THR C 83 7.15 -14.06 26.59
CA THR C 83 8.08 -13.38 25.70
C THR C 83 9.49 -13.93 25.89
N THR C 84 10.22 -14.02 24.78
CA THR C 84 11.55 -14.61 24.73
C THR C 84 12.43 -13.70 23.89
N ILE C 85 13.57 -13.31 24.43
CA ILE C 85 14.48 -12.39 23.75
C ILE C 85 15.59 -13.20 23.09
N LEU C 86 15.66 -13.11 21.77
CA LEU C 86 16.56 -13.91 20.94
C LEU C 86 17.72 -13.04 20.47
N ALA C 87 18.94 -13.49 20.77
CA ALA C 87 20.22 -12.93 20.33
C ALA C 87 20.29 -11.43 20.56
N PRO C 88 20.46 -10.98 21.81
CA PRO C 88 20.62 -9.54 22.04
C PRO C 88 22.04 -9.08 21.71
N HIS C 89 22.13 -8.06 20.86
CA HIS C 89 23.39 -7.41 20.52
C HIS C 89 23.41 -6.04 21.18
N VAL C 90 24.39 -5.81 22.06
CA VAL C 90 24.52 -4.54 22.76
C VAL C 90 25.84 -3.91 22.34
N GLN C 91 25.76 -2.76 21.67
CA GLN C 91 26.94 -1.97 21.32
C GLN C 91 26.91 -0.69 22.15
N MET C 92 27.95 -0.50 22.96
CA MET C 92 28.04 0.67 23.82
C MET C 92 28.52 1.88 23.03
N LEU C 93 28.08 3.06 23.46
CA LEU C 93 28.38 4.32 22.80
C LEU C 93 28.93 5.28 23.85
N GLY C 94 30.25 5.22 24.05
CA GLY C 94 30.90 6.08 25.03
C GLY C 94 30.49 5.73 26.45
N GLU C 95 30.21 6.76 27.24
CA GLU C 95 29.79 6.59 28.62
C GLU C 95 28.31 6.89 28.83
N GLU C 96 27.67 7.58 27.88
CA GLU C 96 26.28 8.01 28.04
C GLU C 96 25.35 7.45 26.97
N GLY C 97 25.81 6.54 26.12
CA GLY C 97 24.99 5.97 25.08
C GLY C 97 25.07 4.46 25.05
N ALA C 98 23.97 3.84 24.63
CA ALA C 98 23.95 2.40 24.44
C ALA C 98 22.90 2.03 23.40
N CYS C 99 23.21 1.03 22.57
CA CYS C 99 22.29 0.58 21.53
C CYS C 99 22.15 -0.94 21.62
N ILE C 100 20.95 -1.40 22.00
CA ILE C 100 20.67 -2.83 22.15
C ILE C 100 19.60 -3.22 21.13
N SER C 101 19.86 -4.28 20.37
CA SER C 101 18.91 -4.76 19.37
C SER C 101 18.73 -6.26 19.53
N TYR C 102 17.50 -6.73 19.33
CA TYR C 102 17.19 -8.13 19.62
C TYR C 102 15.95 -8.53 18.84
N VAL C 103 15.66 -9.84 18.87
CA VAL C 103 14.46 -10.40 18.26
C VAL C 103 13.50 -10.82 19.37
N ARG C 104 12.32 -10.23 19.41
CA ARG C 104 11.32 -10.51 20.41
C ARG C 104 10.35 -11.57 19.89
N LEU C 105 10.19 -12.66 20.64
CA LEU C 105 9.35 -13.78 20.26
C LEU C 105 8.26 -13.96 21.33
N THR C 106 7.01 -13.77 20.94
CA THR C 106 5.89 -13.72 21.87
C THR C 106 4.95 -14.89 21.66
N GLN C 107 4.60 -15.57 22.75
CA GLN C 107 3.65 -16.68 22.74
C GLN C 107 2.40 -16.25 23.51
N GLY C 108 1.24 -16.44 22.90
CA GLY C 108 0.02 -16.04 23.55
C GLY C 108 -1.20 -16.79 23.05
N ILE C 109 -2.35 -16.35 23.53
CA ILE C 109 -3.64 -16.93 23.17
C ILE C 109 -4.46 -15.86 22.46
N GLY C 110 -4.98 -16.20 21.28
CA GLY C 110 -5.74 -15.27 20.49
C GLY C 110 -7.20 -15.23 20.87
N PRO C 111 -8.08 -14.93 19.90
CA PRO C 111 -9.52 -14.92 20.21
C PRO C 111 -10.04 -16.27 20.67
N ASP C 112 -9.63 -17.34 20.00
CA ASP C 112 -10.01 -18.69 20.38
C ASP C 112 -9.08 -19.19 21.48
N GLY C 113 -9.16 -20.49 21.78
CA GLY C 113 -8.24 -21.09 22.73
C GLY C 113 -7.06 -21.73 22.04
N LEU C 114 -6.54 -21.08 21.01
CA LEU C 114 -5.44 -21.59 20.22
C LEU C 114 -4.17 -20.80 20.50
N PRO C 115 -3.04 -21.47 20.70
CA PRO C 115 -1.78 -20.75 20.95
C PRO C 115 -1.21 -20.22 19.63
N ARG C 116 -0.81 -18.95 19.65
CA ARG C 116 -0.19 -18.32 18.49
C ARG C 116 1.11 -17.66 18.92
N THR C 117 2.05 -17.61 17.98
CA THR C 117 3.37 -17.05 18.21
C THR C 117 3.60 -15.91 17.22
N THR C 118 4.11 -14.79 17.73
CA THR C 118 4.43 -13.63 16.91
C THR C 118 5.90 -13.27 17.08
N GLN C 119 6.49 -12.72 16.03
CA GLN C 119 7.90 -12.36 16.04
C GLN C 119 8.05 -10.91 15.58
N SER C 120 8.76 -10.12 16.38
CA SER C 120 9.09 -8.75 16.01
C SER C 120 10.58 -8.53 16.22
N GLU C 121 11.13 -7.56 15.51
CA GLU C 121 12.52 -7.15 15.68
C GLU C 121 12.54 -5.79 16.36
N GLU C 122 13.25 -5.68 17.48
CA GLU C 122 13.25 -4.45 18.23
C GLU C 122 14.68 -3.91 18.37
N THR C 123 14.81 -2.59 18.26
CA THR C 123 16.07 -1.90 18.47
C THR C 123 15.83 -0.73 19.40
N ARG C 124 16.41 -0.79 20.60
CA ARG C 124 16.22 0.22 21.62
C ARG C 124 17.53 0.96 21.87
N VAL C 125 17.46 2.28 21.87
CA VAL C 125 18.57 3.18 22.12
C VAL C 125 18.36 3.86 23.46
N TRP C 126 19.29 3.60 24.38
CA TRP C 126 19.32 4.11 25.74
C TRP C 126 20.34 5.23 25.89
N GLN C 127 20.01 6.18 26.75
CA GLN C 127 20.90 7.31 27.05
C GLN C 127 21.02 7.45 28.56
N LYS C 128 22.24 7.59 29.04
CA LYS C 128 22.50 7.82 30.47
C LYS C 128 22.34 9.30 30.74
N LYS C 129 21.21 9.68 31.33
CA LYS C 129 20.88 11.07 31.61
C LYS C 129 20.96 11.29 33.11
N LYS C 130 22.01 11.98 33.56
CA LYS C 130 22.23 12.29 34.97
C LYS C 130 22.36 11.01 35.81
N GLY C 131 23.22 10.10 35.35
CA GLY C 131 23.52 8.90 36.11
C GLY C 131 22.52 7.78 36.00
N VAL C 132 21.37 8.00 35.36
CA VAL C 132 20.37 6.96 35.18
C VAL C 132 20.15 6.74 33.68
N TRP C 133 19.80 5.51 33.33
CA TRP C 133 19.59 5.13 31.94
C TRP C 133 18.12 5.27 31.57
N LEU C 134 17.87 6.00 30.48
CA LEU C 134 16.52 6.19 29.96
C LEU C 134 16.50 5.76 28.50
N ASN C 135 15.41 5.12 28.11
CA ASN C 135 15.22 4.69 26.72
C ASN C 135 14.71 5.87 25.91
N VAL C 136 15.57 6.42 25.05
CA VAL C 136 15.20 7.58 24.26
C VAL C 136 14.68 7.23 22.87
N HIS C 137 14.93 6.00 22.38
CA HIS C 137 14.38 5.66 21.09
C HIS C 137 14.16 4.16 21.00
N PHE C 138 13.12 3.75 20.27
CA PHE C 138 12.97 2.33 19.97
C PHE C 138 12.33 2.18 18.60
N HIS C 139 12.59 1.03 17.98
CA HIS C 139 12.19 0.74 16.61
C HIS C 139 11.72 -0.71 16.56
N ARG C 140 10.42 -0.89 16.34
CA ARG C 140 9.82 -2.22 16.24
C ARG C 140 9.41 -2.48 14.79
N SER C 141 9.90 -3.59 14.25
CA SER C 141 9.57 -4.06 12.92
C SER C 141 8.96 -5.44 13.03
N VAL C 142 8.22 -5.83 11.99
CA VAL C 142 7.64 -7.16 11.90
C VAL C 142 7.91 -7.71 10.52
N SER C 143 8.46 -8.93 10.46
CA SER C 143 8.73 -9.57 9.18
C SER C 143 7.47 -10.23 8.64
N ARG C 144 7.40 -10.33 7.31
CA ARG C 144 6.22 -10.85 6.64
C ARG C 144 6.40 -12.32 6.28
N THR D 4 19.98 12.20 -7.15
CA THR D 4 20.42 13.03 -6.05
C THR D 4 19.53 12.83 -4.82
N ILE D 5 20.04 13.19 -3.65
CA ILE D 5 19.35 13.00 -2.38
C ILE D 5 18.95 14.36 -1.83
N ILE D 6 17.77 14.42 -1.21
CA ILE D 6 17.22 15.66 -0.66
C ILE D 6 16.92 15.44 0.82
N GLU D 7 17.41 16.34 1.66
CA GLU D 7 17.08 16.35 3.07
C GLU D 7 15.96 17.35 3.32
N GLU D 8 15.17 17.08 4.37
CA GLU D 8 14.01 17.92 4.70
C GLU D 8 13.94 18.06 6.23
N ASP D 9 14.73 19.01 6.75
CA ASP D 9 14.63 19.40 8.15
C ASP D 9 13.33 20.11 8.48
N THR D 10 12.43 20.25 7.51
CA THR D 10 11.25 21.10 7.60
C THR D 10 11.67 22.52 7.96
N GLU D 11 11.78 22.80 9.24
CA GLU D 11 12.13 24.13 9.72
C GLU D 11 13.28 24.02 10.73
N SER D 12 14.04 25.11 10.85
CA SER D 12 15.19 25.28 11.74
C SER D 12 16.48 24.66 11.24
N THR D 13 17.55 24.88 12.00
CA THR D 13 18.85 24.27 11.78
C THR D 13 19.23 23.50 13.04
N LYS D 14 19.68 22.26 12.87
CA LYS D 14 20.10 21.46 14.01
C LYS D 14 21.39 22.04 14.60
N THR D 15 21.79 21.51 15.76
CA THR D 15 23.04 21.92 16.37
C THR D 15 24.21 21.41 15.51
N GLN D 16 25.37 22.06 15.70
CA GLN D 16 26.51 21.77 14.83
C GLN D 16 26.96 20.32 14.94
N ARG D 17 26.73 19.67 16.09
CA ARG D 17 27.15 18.28 16.24
C ARG D 17 26.22 17.34 15.49
N GLU D 18 24.91 17.51 15.64
CA GLU D 18 23.96 16.61 14.98
C GLU D 18 23.81 16.93 13.50
N GLN D 19 24.06 18.18 13.09
CA GLN D 19 24.10 18.50 11.66
C GLN D 19 25.12 17.63 10.94
N GLU D 20 26.27 17.38 11.57
CA GLU D 20 27.26 16.49 10.97
C GLU D 20 26.73 15.08 10.86
N ILE D 21 25.93 14.63 11.83
CA ILE D 21 25.32 13.31 11.73
C ILE D 21 24.39 13.25 10.53
N ILE D 22 23.65 14.33 10.28
CA ILE D 22 22.78 14.37 9.11
C ILE D 22 23.59 14.30 7.83
N ARG D 23 24.68 15.07 7.75
CA ARG D 23 25.49 15.05 6.53
C ARG D 23 26.12 13.67 6.32
N LEU D 24 26.61 13.05 7.40
CA LEU D 24 27.19 11.71 7.29
C LEU D 24 26.15 10.71 6.80
N THR D 25 24.92 10.82 7.28
CA THR D 25 23.86 9.98 6.75
C THR D 25 23.65 10.23 5.26
N GLN D 26 23.73 11.49 4.84
CA GLN D 26 23.61 11.79 3.41
C GLN D 26 24.69 11.11 2.59
N GLN D 27 25.93 11.15 3.07
CA GLN D 27 27.01 10.47 2.36
C GLN D 27 26.80 8.96 2.34
N LEU D 28 26.29 8.41 3.43
CA LEU D 28 26.00 6.98 3.49
C LEU D 28 24.97 6.58 2.42
N ILE D 29 23.82 7.25 2.42
CA ILE D 29 22.79 6.97 1.42
C ILE D 29 23.32 7.23 0.02
N THR D 30 24.21 8.21 -0.14
CA THR D 30 24.80 8.47 -1.45
C THR D 30 25.62 7.29 -1.93
N SER D 31 26.44 6.72 -1.04
CA SER D 31 27.19 5.51 -1.39
C SER D 31 26.25 4.35 -1.70
N ILE D 32 25.09 4.30 -1.05
CA ILE D 32 24.15 3.21 -1.31
C ILE D 32 23.52 3.36 -2.69
N THR D 33 22.97 4.55 -2.99
CA THR D 33 22.29 4.76 -4.26
C THR D 33 23.27 4.68 -5.43
N ALA D 34 24.47 5.24 -5.26
CA ALA D 34 25.48 5.18 -6.32
C ALA D 34 26.24 3.87 -6.33
N LYS D 35 25.98 2.97 -5.36
CA LYS D 35 26.63 1.67 -5.30
C LYS D 35 28.15 1.81 -5.21
N ASP D 36 28.61 2.80 -4.46
CA ASP D 36 30.02 3.04 -4.21
C ASP D 36 30.37 2.42 -2.86
N PHE D 37 30.98 1.23 -2.89
CA PHE D 37 31.26 0.50 -1.66
C PHE D 37 32.45 1.06 -0.89
N ASP D 38 33.32 1.82 -1.54
CA ASP D 38 34.49 2.37 -0.83
C ASP D 38 34.05 3.39 0.23
N SER D 39 33.28 4.41 -0.18
CA SER D 39 32.74 5.37 0.77
C SER D 39 31.88 4.70 1.82
N TYR D 40 31.07 3.72 1.41
CA TYR D 40 30.22 2.99 2.35
C TYR D 40 31.04 2.31 3.43
N SER D 41 32.07 1.57 3.03
CA SER D 41 32.94 0.91 4.00
C SER D 41 33.65 1.93 4.88
N LYS D 42 33.99 3.09 4.34
CA LYS D 42 34.61 4.12 5.17
C LYS D 42 33.65 4.65 6.23
N LEU D 43 32.35 4.74 5.91
CA LEU D 43 31.39 5.31 6.85
C LEU D 43 30.80 4.29 7.83
N VAL D 44 30.98 2.99 7.58
CA VAL D 44 30.27 1.95 8.33
C VAL D 44 31.28 1.11 9.10
N ASP D 45 30.96 0.83 10.36
CA ASP D 45 31.80 -0.04 11.18
C ASP D 45 31.79 -1.46 10.63
N PRO D 46 32.95 -2.14 10.61
CA PRO D 46 32.98 -3.49 10.02
C PRO D 46 32.11 -4.50 10.74
N LYS D 47 31.84 -4.32 12.02
CA LYS D 47 30.96 -5.24 12.75
C LYS D 47 29.60 -4.59 13.01
N ILE D 48 28.91 -4.22 11.94
CA ILE D 48 27.64 -3.51 12.05
C ILE D 48 26.49 -4.53 12.09
N THR D 49 25.62 -4.39 13.08
CA THR D 49 24.39 -5.17 13.14
C THR D 49 23.31 -4.47 12.34
N ALA D 50 22.37 -5.26 11.81
CA ALA D 50 21.41 -4.74 10.85
C ALA D 50 20.10 -5.51 10.95
N PHE D 51 19.01 -4.76 10.88
CA PHE D 51 17.64 -5.24 10.77
C PHE D 51 17.06 -4.66 9.49
N GLU D 52 16.86 -5.49 8.47
CA GLU D 52 16.30 -5.03 7.22
C GLU D 52 15.42 -6.13 6.63
N PRO D 53 14.46 -5.75 5.77
CA PRO D 53 13.61 -6.78 5.14
C PRO D 53 14.38 -7.80 4.32
N GLU D 54 15.55 -7.43 3.81
CA GLU D 54 16.40 -8.39 3.11
C GLU D 54 16.98 -9.45 4.04
N ALA D 55 16.86 -9.27 5.36
CA ALA D 55 17.37 -10.23 6.33
C ALA D 55 16.28 -11.18 6.83
N LEU D 56 15.04 -11.00 6.40
CA LEU D 56 13.93 -11.91 6.71
C LEU D 56 13.72 -12.05 8.21
N GLY D 57 13.55 -10.92 8.89
CA GLY D 57 13.32 -10.92 10.31
C GLY D 57 14.50 -11.36 11.16
N ASN D 58 15.63 -11.64 10.56
CA ASN D 58 16.85 -11.96 11.29
C ASN D 58 17.71 -10.72 11.43
N GLN D 59 18.67 -10.79 12.36
CA GLN D 59 19.64 -9.72 12.56
C GLN D 59 20.97 -10.18 11.95
N VAL D 60 21.48 -9.40 11.01
CA VAL D 60 22.72 -9.78 10.33
C VAL D 60 23.85 -8.88 10.81
N GLU D 61 25.08 -9.39 10.71
CA GLU D 61 26.25 -8.65 11.16
C GLU D 61 27.36 -8.78 10.12
N GLY D 62 28.08 -7.70 9.89
CA GLY D 62 29.17 -7.68 8.94
C GLY D 62 28.80 -6.91 7.68
N LEU D 63 29.82 -6.73 6.84
CA LEU D 63 29.66 -6.00 5.59
C LEU D 63 29.35 -6.89 4.41
N GLU D 64 29.71 -8.18 4.48
CA GLU D 64 29.55 -9.06 3.34
C GLU D 64 28.08 -9.19 2.95
N PHE D 65 27.18 -9.28 3.93
CA PHE D 65 25.76 -9.37 3.65
C PHE D 65 25.28 -8.19 2.82
N HIS D 66 25.80 -7.00 3.10
CA HIS D 66 25.44 -5.82 2.32
C HIS D 66 26.29 -5.66 1.07
N LYS D 67 27.55 -6.10 1.11
CA LYS D 67 28.39 -6.02 -0.08
C LYS D 67 27.83 -6.90 -1.21
N PHE D 68 27.06 -7.93 -0.85
CA PHE D 68 26.37 -8.71 -1.89
C PHE D 68 25.48 -7.82 -2.75
N TYR D 69 24.88 -6.79 -2.17
CA TYR D 69 23.96 -5.93 -2.90
C TYR D 69 24.67 -4.86 -3.72
N PHE D 70 25.93 -4.56 -3.41
CA PHE D 70 26.70 -3.61 -4.20
C PHE D 70 27.15 -4.20 -5.53
N ASP D 71 27.32 -5.51 -5.60
CA ASP D 71 27.78 -6.19 -6.81
C ASP D 71 26.65 -6.68 -7.69
N ASN D 72 25.56 -5.92 -7.79
CA ASN D 72 24.45 -6.29 -8.66
C ASN D 72 23.68 -5.03 -9.05
N LEU D 73 23.28 -4.97 -10.32
CA LEU D 73 22.53 -3.84 -10.89
C LEU D 73 23.33 -2.54 -10.89
N THR D 79 19.89 4.05 -12.38
CA THR D 79 20.39 5.10 -13.26
C THR D 79 19.95 6.47 -12.77
N THR D 80 18.65 6.65 -12.57
CA THR D 80 18.10 7.90 -12.04
C THR D 80 17.06 7.57 -10.99
N VAL D 81 17.35 7.96 -9.74
CA VAL D 81 16.42 7.79 -8.62
C VAL D 81 16.45 9.06 -7.80
N ASN D 82 15.40 9.26 -6.98
CA ASN D 82 15.27 10.45 -6.15
C ASN D 82 14.87 10.04 -4.74
N THR D 83 15.86 9.98 -3.84
CA THR D 83 15.59 9.69 -2.43
C THR D 83 15.45 10.99 -1.65
N THR D 84 14.60 10.94 -0.62
CA THR D 84 14.19 12.11 0.14
C THR D 84 14.06 11.69 1.60
N ILE D 85 14.65 12.47 2.50
CA ILE D 85 14.62 12.17 3.91
C ILE D 85 13.59 13.06 4.57
N LEU D 86 12.64 12.44 5.27
CA LEU D 86 11.50 13.10 5.86
C LEU D 86 11.63 13.08 7.37
N ALA D 87 11.57 14.27 7.98
CA ALA D 87 11.58 14.55 9.41
C ALA D 87 12.69 13.80 10.13
N PRO D 88 13.95 14.21 9.95
CA PRO D 88 15.05 13.54 10.68
C PRO D 88 15.08 13.99 12.13
N HIS D 89 15.07 13.02 13.04
CA HIS D 89 15.25 13.24 14.46
C HIS D 89 16.62 12.73 14.86
N VAL D 90 17.49 13.62 15.31
CA VAL D 90 18.85 13.26 15.72
C VAL D 90 18.96 13.48 17.23
N GLN D 91 19.26 12.41 17.95
CA GLN D 91 19.43 12.45 19.41
C GLN D 91 20.86 12.07 19.73
N MET D 92 21.59 12.99 20.35
CA MET D 92 22.98 12.75 20.72
C MET D 92 23.06 11.91 21.98
N LEU D 93 24.13 11.14 22.08
CA LEU D 93 24.37 10.22 23.20
C LEU D 93 25.77 10.51 23.72
N GLY D 94 25.86 11.46 24.65
CA GLY D 94 27.15 11.83 25.23
C GLY D 94 28.06 12.49 24.22
N GLU D 95 29.32 12.04 24.20
CA GLU D 95 30.32 12.54 23.27
C GLU D 95 30.69 11.54 22.20
N GLU D 96 30.41 10.26 22.41
CA GLU D 96 30.80 9.21 21.47
C GLU D 96 29.62 8.45 20.89
N GLY D 97 28.40 8.94 21.07
CA GLY D 97 27.23 8.27 20.53
C GLY D 97 26.29 9.23 19.83
N ALA D 98 25.60 8.71 18.81
CA ALA D 98 24.57 9.48 18.14
C ALA D 98 23.54 8.51 17.54
N CYS D 99 22.28 8.96 17.51
CA CYS D 99 21.19 8.13 17.00
C CYS D 99 20.28 8.99 16.13
N ILE D 100 20.29 8.76 14.83
CA ILE D 100 19.46 9.50 13.88
C ILE D 100 18.39 8.56 13.35
N SER D 101 17.15 9.03 13.29
CA SER D 101 16.03 8.25 12.79
C SER D 101 15.19 9.10 11.85
N TYR D 102 14.76 8.52 10.74
CA TYR D 102 14.13 9.31 9.69
C TYR D 102 13.27 8.43 8.81
N VAL D 103 12.46 9.07 7.97
CA VAL D 103 11.64 8.38 6.99
C VAL D 103 12.30 8.54 5.61
N ARG D 104 12.59 7.43 4.96
CA ARG D 104 13.24 7.43 3.66
C ARG D 104 12.21 7.17 2.56
N LEU D 105 12.07 8.14 1.65
CA LEU D 105 11.11 8.08 0.55
C LEU D 105 11.89 8.04 -0.75
N THR D 106 11.72 6.96 -1.51
CA THR D 106 12.52 6.71 -2.70
C THR D 106 11.63 6.75 -3.94
N GLN D 107 12.10 7.44 -4.98
CA GLN D 107 11.40 7.53 -6.25
C GLN D 107 12.23 6.85 -7.32
N GLY D 108 11.61 5.96 -8.10
CA GLY D 108 12.34 5.24 -9.10
C GLY D 108 11.46 4.70 -10.20
N ILE D 109 12.06 3.91 -11.09
CA ILE D 109 11.40 3.29 -12.22
C ILE D 109 11.49 1.79 -12.07
N GLY D 110 10.34 1.11 -12.17
CA GLY D 110 10.28 -0.32 -12.04
C GLY D 110 10.59 -1.05 -13.33
N PRO D 111 9.98 -2.22 -13.51
CA PRO D 111 10.22 -2.98 -14.75
C PRO D 111 9.76 -2.26 -16.00
N ASP D 112 8.53 -1.73 -15.98
CA ASP D 112 8.00 -0.96 -17.10
C ASP D 112 8.55 0.47 -17.03
N GLY D 113 7.99 1.34 -17.87
CA GLY D 113 8.37 2.75 -17.85
C GLY D 113 7.46 3.57 -16.96
N LEU D 114 7.12 3.04 -15.79
CA LEU D 114 6.21 3.71 -14.87
C LEU D 114 6.92 4.11 -13.59
N PRO D 115 6.68 5.33 -13.11
CA PRO D 115 7.32 5.76 -11.85
C PRO D 115 6.63 5.15 -10.64
N ARG D 116 7.44 4.75 -9.66
CA ARG D 116 6.95 4.20 -8.42
C ARG D 116 7.69 4.83 -7.25
N THR D 117 7.02 4.89 -6.10
CA THR D 117 7.54 5.47 -4.88
C THR D 117 7.45 4.46 -3.75
N THR D 118 8.57 4.26 -3.06
CA THR D 118 8.65 3.34 -1.94
C THR D 118 8.98 4.11 -0.66
N GLN D 119 8.44 3.66 0.47
CA GLN D 119 8.65 4.30 1.76
C GLN D 119 9.20 3.30 2.74
N SER D 120 10.23 3.69 3.49
CA SER D 120 10.82 2.86 4.52
C SER D 120 11.21 3.73 5.70
N GLU D 121 11.19 3.15 6.89
CA GLU D 121 11.57 3.88 8.10
C GLU D 121 12.95 3.39 8.55
N GLU D 122 13.93 4.29 8.55
CA GLU D 122 15.29 3.90 8.87
C GLU D 122 15.75 4.53 10.18
N THR D 123 16.46 3.75 10.99
CA THR D 123 17.03 4.20 12.25
C THR D 123 18.50 3.81 12.28
N ARG D 124 19.39 4.79 12.17
CA ARG D 124 20.83 4.55 12.18
C ARG D 124 21.43 5.03 13.49
N VAL D 125 22.37 4.23 13.99
CA VAL D 125 23.08 4.47 15.24
C VAL D 125 24.56 4.55 14.91
N TRP D 126 25.11 5.76 15.10
CA TRP D 126 26.49 6.12 14.84
C TRP D 126 27.30 6.13 16.12
N GLN D 127 28.57 5.73 16.02
CA GLN D 127 29.51 5.69 17.13
C GLN D 127 30.80 6.38 16.69
N LYS D 128 31.33 7.23 17.56
CA LYS D 128 32.57 7.96 17.30
C LYS D 128 33.74 7.11 17.80
N LYS D 129 34.38 6.39 16.88
CA LYS D 129 35.47 5.47 17.21
C LYS D 129 36.79 6.11 16.79
N LYS D 130 37.60 6.49 17.78
CA LYS D 130 38.92 7.08 17.54
C LYS D 130 38.81 8.36 16.70
N GLY D 131 37.85 9.20 17.05
CA GLY D 131 37.71 10.51 16.45
C GLY D 131 36.83 10.56 15.21
N VAL D 132 36.52 9.41 14.60
CA VAL D 132 35.70 9.37 13.40
C VAL D 132 34.38 8.68 13.74
N TRP D 133 33.31 9.14 13.11
CA TRP D 133 31.98 8.59 13.33
C TRP D 133 31.75 7.42 12.38
N LEU D 134 31.29 6.31 12.93
CA LEU D 134 30.97 5.12 12.17
C LEU D 134 29.56 4.66 12.50
N ASN D 135 28.83 4.19 11.50
CA ASN D 135 27.51 3.63 11.71
C ASN D 135 27.66 2.20 12.20
N VAL D 136 27.31 1.96 13.46
CA VAL D 136 27.41 0.62 14.03
C VAL D 136 26.11 -0.16 13.99
N HIS D 137 24.96 0.49 13.85
CA HIS D 137 23.75 -0.30 13.74
C HIS D 137 22.70 0.46 12.93
N PHE D 138 21.96 -0.25 12.09
CA PHE D 138 20.84 0.38 11.41
C PHE D 138 19.68 -0.59 11.30
N HIS D 139 18.48 -0.02 11.29
CA HIS D 139 17.23 -0.77 11.39
C HIS D 139 16.26 -0.19 10.37
N ARG D 140 16.00 -0.94 9.31
CA ARG D 140 15.17 -0.49 8.20
C ARG D 140 13.86 -1.28 8.21
N SER D 141 12.75 -0.57 8.29
CA SER D 141 11.42 -1.16 8.33
C SER D 141 10.63 -0.68 7.11
N VAL D 142 9.56 -1.42 6.80
CA VAL D 142 8.67 -1.05 5.70
C VAL D 142 7.24 -1.25 6.18
N SER D 143 6.44 -0.19 6.11
CA SER D 143 5.05 -0.28 6.53
C SER D 143 4.20 -0.95 5.47
N ARG D 144 3.12 -1.58 5.91
CA ARG D 144 2.26 -2.34 5.02
C ARG D 144 1.07 -1.51 4.56
N PRO E 2 -7.33 -40.81 26.64
CA PRO E 2 -6.58 -41.99 26.19
C PRO E 2 -5.40 -41.61 25.30
N HIS E 3 -4.18 -41.96 25.72
CA HIS E 3 -2.97 -41.63 24.98
C HIS E 3 -2.06 -42.85 24.97
N THR E 4 -1.81 -43.39 23.78
CA THR E 4 -0.86 -44.48 23.59
C THR E 4 0.15 -44.10 22.51
N ILE E 5 1.30 -44.76 22.54
CA ILE E 5 2.38 -44.50 21.60
C ILE E 5 2.89 -45.83 21.09
N ILE E 6 3.06 -45.93 19.77
CA ILE E 6 3.44 -47.18 19.11
C ILE E 6 4.68 -46.92 18.25
N GLU E 7 5.64 -47.83 18.34
CA GLU E 7 6.80 -47.84 17.45
C GLU E 7 6.63 -48.93 16.40
N GLU E 8 7.27 -48.73 15.24
CA GLU E 8 7.18 -49.67 14.12
C GLU E 8 8.58 -49.88 13.55
N ASP E 9 9.33 -50.80 14.16
CA ASP E 9 10.68 -51.13 13.75
C ASP E 9 10.74 -52.11 12.58
N THR E 10 9.59 -52.46 12.01
CA THR E 10 9.42 -53.53 11.02
C THR E 10 10.40 -54.69 11.22
N GLU E 11 11.23 -54.97 10.20
CA GLU E 11 12.06 -56.16 10.20
C GLU E 11 13.45 -55.95 10.80
N SER E 12 13.90 -54.71 10.94
CA SER E 12 15.26 -54.46 11.39
C SER E 12 15.41 -54.72 12.88
N THR E 13 16.66 -54.94 13.30
CA THR E 13 17.00 -55.22 14.69
C THR E 13 17.89 -54.11 15.23
N LYS E 14 17.55 -53.61 16.41
CA LYS E 14 18.29 -52.54 17.06
C LYS E 14 19.12 -53.09 18.21
N THR E 15 20.21 -52.41 18.54
CA THR E 15 21.00 -52.77 19.71
C THR E 15 20.29 -52.28 20.97
N GLN E 16 20.76 -52.79 22.12
CA GLN E 16 20.09 -52.47 23.39
C GLN E 16 20.17 -50.98 23.69
N ARG E 17 21.31 -50.34 23.39
CA ARG E 17 21.45 -48.91 23.59
C ARG E 17 20.40 -48.14 22.80
N GLU E 18 20.39 -48.32 21.47
CA GLU E 18 19.47 -47.56 20.64
C GLU E 18 18.03 -47.98 20.88
N GLN E 19 17.79 -49.23 21.28
CA GLN E 19 16.46 -49.60 21.72
C GLN E 19 16.04 -48.80 22.94
N GLU E 20 16.98 -48.51 23.85
CA GLU E 20 16.66 -47.66 24.98
C GLU E 20 16.46 -46.20 24.55
N ILE E 21 17.17 -45.74 23.51
CA ILE E 21 16.90 -44.39 23.00
C ILE E 21 15.48 -44.31 22.46
N ILE E 22 15.04 -45.35 21.75
CA ILE E 22 13.67 -45.40 21.27
C ILE E 22 12.69 -45.37 22.44
N ARG E 23 12.96 -46.19 23.46
CA ARG E 23 12.07 -46.23 24.62
C ARG E 23 11.97 -44.87 25.30
N LEU E 24 13.11 -44.19 25.47
CA LEU E 24 13.10 -42.87 26.08
C LEU E 24 12.33 -41.86 25.23
N THR E 25 12.49 -41.91 23.91
CA THR E 25 11.71 -41.03 23.04
C THR E 25 10.22 -41.30 23.20
N GLN E 26 9.84 -42.58 23.30
CA GLN E 26 8.45 -42.92 23.52
C GLN E 26 7.92 -42.30 24.80
N GLN E 27 8.68 -42.40 25.89
CA GLN E 27 8.25 -41.78 27.14
C GLN E 27 8.13 -40.27 27.01
N LEU E 28 9.08 -39.65 26.29
CA LEU E 28 9.03 -38.20 26.08
C LEU E 28 7.75 -37.79 25.37
N ILE E 29 7.46 -38.42 24.23
CA ILE E 29 6.24 -38.08 23.50
C ILE E 29 5.00 -38.40 24.32
N THR E 30 5.08 -39.40 25.20
CA THR E 30 3.96 -39.67 26.10
C THR E 30 3.73 -38.50 27.04
N SER E 31 4.79 -37.99 27.66
CA SER E 31 4.64 -36.82 28.51
C SER E 31 4.14 -35.62 27.73
N ILE E 32 4.40 -35.58 26.42
CA ILE E 32 3.88 -34.49 25.60
C ILE E 32 2.37 -34.64 25.40
N THR E 33 1.94 -35.80 24.89
CA THR E 33 0.52 -35.99 24.61
C THR E 33 -0.33 -35.98 25.87
N ALA E 34 0.24 -36.41 27.00
CA ALA E 34 -0.44 -36.34 28.28
C ALA E 34 -0.22 -35.01 28.99
N LYS E 35 0.59 -34.13 28.41
CA LYS E 35 0.89 -32.81 28.98
C LYS E 35 1.40 -32.93 30.42
N ASP E 36 2.15 -33.99 30.69
CA ASP E 36 2.75 -34.21 32.00
C ASP E 36 4.12 -33.57 32.00
N PHE E 37 4.21 -32.34 32.52
CA PHE E 37 5.46 -31.59 32.42
C PHE E 37 6.52 -32.09 33.39
N ASP E 38 6.14 -32.79 34.45
CA ASP E 38 7.14 -33.31 35.37
C ASP E 38 8.01 -34.36 34.68
N SER E 39 7.38 -35.37 34.07
CA SER E 39 8.12 -36.37 33.31
C SER E 39 8.91 -35.72 32.17
N TYR E 40 8.28 -34.80 31.44
CA TYR E 40 8.97 -34.10 30.36
C TYR E 40 10.24 -33.43 30.85
N SER E 41 10.16 -32.71 31.97
CA SER E 41 11.33 -32.07 32.54
C SER E 41 12.37 -33.10 32.96
N LYS E 42 11.95 -34.27 33.44
CA LYS E 42 12.92 -35.29 33.79
C LYS E 42 13.64 -35.82 32.56
N LEU E 43 13.01 -35.80 31.38
CA LEU E 43 13.65 -36.34 30.19
C LEU E 43 14.40 -35.31 29.36
N VAL E 44 14.24 -34.02 29.65
CA VAL E 44 14.75 -32.96 28.79
C VAL E 44 15.77 -32.13 29.55
N ASP E 45 16.88 -31.81 28.88
CA ASP E 45 17.91 -30.95 29.48
C ASP E 45 17.40 -29.52 29.59
N PRO E 46 17.65 -28.84 30.71
CA PRO E 46 17.09 -27.49 30.89
C PRO E 46 17.59 -26.46 29.90
N LYS E 47 18.71 -26.71 29.22
CA LYS E 47 19.19 -25.79 28.19
C LYS E 47 19.05 -26.43 26.82
N ILE E 48 17.83 -26.82 26.45
CA ILE E 48 17.58 -27.57 25.22
C ILE E 48 17.31 -26.59 24.09
N THR E 49 18.03 -26.76 22.98
CA THR E 49 17.74 -26.00 21.78
C THR E 49 16.64 -26.69 20.99
N ALA E 50 15.92 -25.90 20.19
CA ALA E 50 14.73 -26.43 19.51
C ALA E 50 14.44 -25.66 18.24
N PHE E 51 14.17 -26.42 17.17
CA PHE E 51 13.62 -25.93 15.91
C PHE E 51 12.25 -26.54 15.75
N GLU E 52 11.21 -25.71 15.70
CA GLU E 52 9.85 -26.22 15.57
C GLU E 52 9.00 -25.12 14.96
N PRO E 53 7.88 -25.49 14.31
CA PRO E 53 7.02 -24.47 13.70
C PRO E 53 6.44 -23.48 14.69
N GLU E 54 6.34 -23.84 15.97
CA GLU E 54 5.91 -22.89 16.98
C GLU E 54 6.92 -21.77 17.17
N ALA E 55 8.16 -21.96 16.71
CA ALA E 55 9.22 -20.96 16.88
C ALA E 55 9.37 -20.05 15.68
N LEU E 56 8.64 -20.30 14.59
CA LEU E 56 8.60 -19.42 13.42
C LEU E 56 9.99 -19.27 12.78
N GLY E 57 10.64 -20.40 12.55
CA GLY E 57 11.94 -20.36 11.89
C GLY E 57 13.08 -19.86 12.75
N ASN E 58 12.85 -19.63 14.04
CA ASN E 58 13.91 -19.31 14.98
C ASN E 58 14.23 -20.53 15.83
N GLN E 59 15.38 -20.47 16.49
CA GLN E 59 15.84 -21.54 17.37
C GLN E 59 15.69 -21.08 18.81
N VAL E 60 14.89 -21.80 19.59
CA VAL E 60 14.63 -21.39 20.96
C VAL E 60 15.42 -22.27 21.92
N GLU E 61 15.66 -21.75 23.11
CA GLU E 61 16.40 -22.45 24.14
C GLU E 61 15.63 -22.38 25.45
N GLY E 62 15.80 -23.42 26.27
CA GLY E 62 15.18 -23.46 27.58
C GLY E 62 13.88 -24.23 27.59
N LEU E 63 13.31 -24.34 28.78
CA LEU E 63 12.08 -25.08 29.01
C LEU E 63 10.82 -24.23 29.01
N GLU E 64 10.94 -22.94 29.36
CA GLU E 64 9.76 -22.10 29.49
C GLU E 64 8.99 -22.01 28.18
N PHE E 65 9.70 -22.03 27.05
CA PHE E 65 9.04 -21.93 25.75
C PHE E 65 8.07 -23.09 25.52
N HIS E 66 8.43 -24.28 25.99
CA HIS E 66 7.57 -25.45 25.85
C HIS E 66 6.63 -25.62 27.04
N LYS E 67 7.07 -25.23 28.23
CA LYS E 67 6.20 -25.22 29.40
C LYS E 67 4.99 -24.31 29.17
N PHE E 68 5.13 -23.29 28.31
CA PHE E 68 3.97 -22.50 27.93
C PHE E 68 2.90 -23.37 27.30
N TYR E 69 3.30 -24.35 26.49
CA TYR E 69 2.33 -25.23 25.85
C TYR E 69 1.82 -26.31 26.79
N PHE E 70 2.62 -26.72 27.78
CA PHE E 70 2.09 -27.64 28.77
C PHE E 70 0.96 -27.00 29.56
N ASP E 71 1.06 -25.69 29.82
CA ASP E 71 -0.05 -24.92 30.36
C ASP E 71 -0.89 -24.38 29.20
N ASN E 72 -1.90 -23.57 29.54
CA ASN E 72 -2.67 -22.80 28.55
C ASN E 72 -3.42 -23.68 27.55
N LEU E 73 -2.74 -24.67 26.98
CA LEU E 73 -3.37 -25.55 26.00
C LEU E 73 -4.58 -26.25 26.62
N PRO E 74 -5.63 -26.51 25.82
CA PRO E 74 -6.85 -27.18 26.31
C PRO E 74 -6.59 -28.62 26.72
N THR E 80 -8.16 -37.80 22.67
CA THR E 80 -7.97 -39.21 22.33
C THR E 80 -7.16 -39.35 21.05
N VAL E 81 -5.86 -39.61 21.19
CA VAL E 81 -4.94 -39.63 20.06
C VAL E 81 -4.02 -40.84 20.16
N ASN E 82 -3.49 -41.24 19.00
CA ASN E 82 -2.50 -42.31 18.90
C ASN E 82 -1.29 -41.76 18.15
N THR E 83 -0.18 -41.62 18.86
CA THR E 83 1.08 -41.20 18.25
C THR E 83 1.89 -42.43 17.89
N THR E 84 2.39 -42.46 16.66
CA THR E 84 3.09 -43.59 16.09
C THR E 84 4.45 -43.12 15.60
N ILE E 85 5.49 -43.87 15.94
CA ILE E 85 6.85 -43.56 15.55
C ILE E 85 7.23 -44.49 14.40
N LEU E 86 7.57 -43.91 13.26
CA LEU E 86 7.78 -44.66 12.03
C LEU E 86 9.25 -44.63 11.63
N ALA E 87 9.77 -45.84 11.38
CA ALA E 87 11.14 -46.07 10.97
C ALA E 87 12.15 -45.33 11.84
N PRO E 88 12.18 -45.58 13.15
CA PRO E 88 13.14 -44.88 14.01
C PRO E 88 14.57 -45.23 13.64
N HIS E 89 15.30 -44.27 13.09
CA HIS E 89 16.73 -44.43 12.84
C HIS E 89 17.49 -43.88 14.04
N VAL E 90 18.22 -44.74 14.75
CA VAL E 90 18.97 -44.34 15.92
C VAL E 90 20.45 -44.58 15.63
N GLN E 91 21.22 -43.51 15.60
CA GLN E 91 22.66 -43.57 15.43
C GLN E 91 23.31 -43.18 16.74
N MET E 92 24.08 -44.11 17.31
CA MET E 92 24.81 -43.83 18.54
C MET E 92 26.04 -42.99 18.22
N LEU E 93 26.38 -42.11 19.16
CA LEU E 93 27.50 -41.18 19.01
C LEU E 93 28.45 -41.42 20.19
N GLY E 94 29.35 -42.39 20.02
CA GLY E 94 30.26 -42.74 21.09
C GLY E 94 29.50 -43.27 22.28
N GLU E 95 29.89 -42.80 23.47
CA GLU E 95 29.31 -43.27 24.72
C GLU E 95 28.30 -42.29 25.30
N GLU E 96 28.42 -41.00 24.99
CA GLU E 96 27.58 -39.98 25.59
C GLU E 96 26.66 -39.30 24.58
N GLY E 97 26.63 -39.77 23.33
CA GLY E 97 25.80 -39.17 22.32
C GLY E 97 24.87 -40.18 21.69
N ALA E 98 23.74 -39.67 21.20
CA ALA E 98 22.78 -40.47 20.44
C ALA E 98 21.91 -39.53 19.63
N CYS E 99 21.45 -40.02 18.48
CA CYS E 99 20.61 -39.21 17.59
C CYS E 99 19.55 -40.11 16.97
N ILE E 100 18.28 -39.84 17.26
CA ILE E 100 17.18 -40.63 16.75
C ILE E 100 16.28 -39.73 15.90
N SER E 101 16.06 -40.13 14.65
CA SER E 101 15.18 -39.40 13.75
C SER E 101 14.09 -40.34 13.26
N TYR E 102 12.87 -39.82 13.14
CA TYR E 102 11.72 -40.66 12.87
C TYR E 102 10.61 -39.83 12.25
N VAL E 103 9.60 -40.53 11.73
CA VAL E 103 8.38 -39.87 11.29
C VAL E 103 7.32 -40.04 12.37
N ARG E 104 6.78 -38.94 12.85
CA ARG E 104 5.76 -38.93 13.88
C ARG E 104 4.39 -38.79 13.23
N LEU E 105 3.62 -39.87 13.28
CA LEU E 105 2.28 -39.94 12.70
C LEU E 105 1.27 -39.90 13.83
N THR E 106 0.31 -38.96 13.75
CA THR E 106 -0.61 -38.71 14.85
C THR E 106 -2.04 -38.89 14.36
N GLN E 107 -2.75 -39.86 14.93
CA GLN E 107 -4.15 -40.10 14.63
C GLN E 107 -4.99 -39.46 15.72
N GLY E 108 -6.00 -38.68 15.32
CA GLY E 108 -6.78 -37.96 16.31
C GLY E 108 -8.17 -37.62 15.85
N ILE E 109 -8.87 -36.87 16.70
CA ILE E 109 -10.28 -36.53 16.53
C ILE E 109 -10.41 -35.03 16.30
N GLY E 110 -11.30 -34.64 15.39
CA GLY E 110 -11.56 -33.26 15.10
C GLY E 110 -12.66 -32.67 15.98
N PRO E 111 -13.35 -31.65 15.47
CA PRO E 111 -14.45 -31.06 16.26
C PRO E 111 -15.56 -32.07 16.54
N ASP E 112 -16.10 -32.66 15.47
CA ASP E 112 -16.97 -33.82 15.59
C ASP E 112 -16.12 -35.02 15.97
N GLY E 113 -16.78 -36.16 16.16
CA GLY E 113 -16.08 -37.42 16.13
C GLY E 113 -15.55 -37.71 14.74
N LEU E 114 -14.68 -36.83 14.25
CA LEU E 114 -14.08 -36.90 12.92
C LEU E 114 -12.63 -37.29 13.03
N PRO E 115 -12.20 -38.30 12.29
CA PRO E 115 -10.80 -38.74 12.44
C PRO E 115 -9.88 -38.10 11.41
N ARG E 116 -8.74 -37.58 11.86
CA ARG E 116 -7.76 -37.03 10.94
C ARG E 116 -6.38 -37.45 11.40
N THR E 117 -5.46 -37.50 10.44
CA THR E 117 -4.08 -37.88 10.69
C THR E 117 -3.17 -36.72 10.31
N THR E 118 -2.18 -36.45 11.18
CA THR E 118 -1.17 -35.45 10.92
C THR E 118 0.20 -36.13 10.90
N GLN E 119 1.16 -35.51 10.22
CA GLN E 119 2.48 -36.07 10.06
C GLN E 119 3.52 -34.99 10.28
N SER E 120 4.54 -35.31 11.07
CA SER E 120 5.69 -34.43 11.24
C SER E 120 6.95 -35.29 11.25
N GLU E 121 8.07 -34.70 10.86
CA GLU E 121 9.35 -35.38 10.89
C GLU E 121 10.15 -34.82 12.06
N GLU E 122 10.67 -35.70 12.92
CA GLU E 122 11.35 -35.24 14.12
C GLU E 122 12.76 -35.81 14.19
N THR E 123 13.69 -34.96 14.64
CA THR E 123 15.05 -35.37 15.00
C THR E 123 15.29 -34.99 16.45
N ARG E 124 15.70 -35.96 17.26
CA ARG E 124 16.00 -35.70 18.66
C ARG E 124 17.41 -36.19 18.99
N VAL E 125 18.17 -35.34 19.64
CA VAL E 125 19.56 -35.61 20.00
C VAL E 125 19.65 -35.79 21.50
N TRP E 126 20.13 -36.94 21.94
CA TRP E 126 20.26 -37.29 23.34
C TRP E 126 21.72 -37.25 23.76
N GLN E 127 21.96 -36.74 24.96
CA GLN E 127 23.29 -36.70 25.56
C GLN E 127 23.24 -37.33 26.94
N LYS E 128 24.24 -38.17 27.23
CA LYS E 128 24.34 -38.84 28.52
C LYS E 128 25.10 -37.92 29.47
N LYS E 129 24.36 -37.24 30.35
CA LYS E 129 24.93 -36.30 31.30
C LYS E 129 24.81 -36.90 32.69
N LYS E 130 25.96 -37.29 33.26
CA LYS E 130 26.02 -37.88 34.60
C LYS E 130 25.21 -39.18 34.68
N GLY E 131 25.37 -40.02 33.67
CA GLY E 131 24.78 -41.35 33.68
C GLY E 131 23.33 -41.42 33.28
N VAL E 132 22.67 -40.30 33.00
CA VAL E 132 21.28 -40.29 32.56
C VAL E 132 21.21 -39.62 31.19
N TRP E 133 20.27 -40.10 30.37
CA TRP E 133 20.09 -39.59 29.03
C TRP E 133 19.10 -38.44 29.04
N LEU E 134 19.49 -37.32 28.45
CA LEU E 134 18.65 -36.14 28.37
C LEU E 134 18.55 -35.69 26.92
N ASN E 135 17.37 -35.21 26.55
CA ASN E 135 17.16 -34.64 25.23
C ASN E 135 17.68 -33.22 25.22
N VAL E 136 18.76 -32.97 24.48
CA VAL E 136 19.41 -31.66 24.46
C VAL E 136 19.03 -30.80 23.27
N HIS E 137 18.42 -31.39 22.24
CA HIS E 137 18.06 -30.65 21.04
C HIS E 137 17.06 -31.46 20.23
N PHE E 138 16.01 -30.80 19.73
CA PHE E 138 15.08 -31.46 18.83
C PHE E 138 14.72 -30.51 17.70
N HIS E 139 14.31 -31.10 16.58
CA HIS E 139 14.03 -30.38 15.35
C HIS E 139 12.78 -31.03 14.76
N ARG E 140 11.66 -30.29 14.79
CA ARG E 140 10.37 -30.78 14.32
C ARG E 140 9.99 -30.04 13.06
N SER E 141 9.67 -30.79 12.00
CA SER E 141 9.35 -30.24 10.70
C SER E 141 8.01 -30.79 10.21
N VAL E 142 7.36 -30.05 9.32
CA VAL E 142 6.14 -30.47 8.65
C VAL E 142 6.28 -30.11 7.18
N SER E 143 6.31 -31.12 6.32
CA SER E 143 6.81 -30.98 4.95
C SER E 143 5.68 -30.70 3.97
N ARG E 144 5.61 -29.45 3.51
CA ARG E 144 4.77 -28.96 2.42
C ARG E 144 3.30 -29.39 2.45
N PRO E 145 2.60 -29.29 3.60
CA PRO E 145 1.18 -29.62 3.47
C PRO E 145 0.36 -28.47 2.91
N HIS F 3 -3.58 18.61 -24.24
CA HIS F 3 -2.68 19.73 -23.96
C HIS F 3 -3.50 21.00 -23.89
N THR F 4 -4.82 20.84 -23.99
CA THR F 4 -5.75 21.92 -23.77
C THR F 4 -6.51 21.66 -22.48
N ILE F 5 -6.63 22.70 -21.67
CA ILE F 5 -7.30 22.63 -20.37
C ILE F 5 -8.57 23.44 -20.45
N ILE F 6 -9.69 22.85 -20.03
CA ILE F 6 -10.97 23.54 -20.05
C ILE F 6 -11.39 23.80 -18.62
N GLU F 7 -11.77 25.04 -18.32
CA GLU F 7 -12.31 25.38 -17.01
C GLU F 7 -13.80 25.61 -17.14
N GLU F 8 -14.57 25.05 -16.22
CA GLU F 8 -16.04 25.12 -16.31
C GLU F 8 -16.60 25.90 -15.13
N ASP F 9 -16.82 27.21 -15.32
CA ASP F 9 -17.37 28.12 -14.31
C ASP F 9 -18.83 27.83 -14.01
N THR F 10 -19.41 26.81 -14.64
CA THR F 10 -20.85 26.48 -14.51
C THR F 10 -21.63 27.71 -14.97
N GLU F 11 -22.66 28.12 -14.25
CA GLU F 11 -23.41 29.32 -14.60
C GLU F 11 -22.88 30.53 -13.83
N SER F 12 -23.25 31.72 -14.30
CA SER F 12 -22.91 33.01 -13.69
C SER F 12 -21.42 33.29 -13.75
N THR F 13 -21.02 34.49 -13.31
CA THR F 13 -19.64 34.96 -13.44
C THR F 13 -19.10 35.38 -12.08
N LYS F 14 -17.88 34.92 -11.76
CA LYS F 14 -17.24 35.26 -10.50
C LYS F 14 -16.59 36.63 -10.59
N THR F 15 -15.93 37.06 -9.51
CA THR F 15 -15.21 38.31 -9.50
C THR F 15 -13.87 38.14 -10.23
N GLN F 16 -13.26 39.27 -10.59
CA GLN F 16 -12.07 39.25 -11.44
C GLN F 16 -10.87 38.65 -10.71
N ARG F 17 -10.69 38.99 -9.43
CA ARG F 17 -9.52 38.50 -8.70
C ARG F 17 -9.54 36.98 -8.58
N GLU F 18 -10.71 36.40 -8.30
CA GLU F 18 -10.83 34.94 -8.32
C GLU F 18 -10.50 34.39 -9.70
N GLN F 19 -11.01 35.07 -10.76
CA GLN F 19 -10.78 34.61 -12.12
C GLN F 19 -9.31 34.48 -12.45
N GLU F 20 -8.47 35.43 -11.98
CA GLU F 20 -7.06 35.31 -12.30
C GLU F 20 -6.42 34.10 -11.63
N ILE F 21 -6.80 33.81 -10.38
CA ILE F 21 -6.33 32.58 -9.74
C ILE F 21 -6.69 31.38 -10.59
N ILE F 22 -7.90 31.37 -11.14
CA ILE F 22 -8.29 30.27 -12.03
C ILE F 22 -7.35 30.20 -13.23
N ARG F 23 -7.04 31.35 -13.85
CA ARG F 23 -6.14 31.36 -14.99
C ARG F 23 -4.78 30.75 -14.63
N LEU F 24 -4.20 31.19 -13.50
CA LEU F 24 -2.89 30.72 -13.11
C LEU F 24 -2.91 29.22 -12.83
N THR F 25 -4.01 28.72 -12.23
CA THR F 25 -4.14 27.27 -12.05
C THR F 25 -4.13 26.55 -13.39
N GLN F 26 -4.85 27.12 -14.38
CA GLN F 26 -4.81 26.54 -15.73
C GLN F 26 -3.37 26.47 -16.25
N GLN F 27 -2.62 27.57 -16.13
CA GLN F 27 -1.24 27.57 -16.62
C GLN F 27 -0.41 26.51 -15.91
N LEU F 28 -0.61 26.36 -14.59
CA LEU F 28 0.10 25.34 -13.83
C LEU F 28 -0.18 23.96 -14.41
N ILE F 29 -1.46 23.60 -14.56
CA ILE F 29 -1.77 22.27 -15.05
C ILE F 29 -1.32 22.09 -16.51
N THR F 30 -1.27 23.16 -17.30
CA THR F 30 -0.71 23.05 -18.64
C THR F 30 0.76 22.67 -18.58
N SER F 31 1.52 23.32 -17.71
CA SER F 31 2.91 22.94 -17.52
C SER F 31 3.03 21.50 -17.02
N ILE F 32 2.00 20.98 -16.35
CA ILE F 32 2.04 19.60 -15.89
C ILE F 32 1.78 18.64 -17.04
N THR F 33 0.70 18.85 -17.80
CA THR F 33 0.37 17.94 -18.89
C THR F 33 1.36 18.03 -20.03
N ALA F 34 1.89 19.22 -20.31
CA ALA F 34 2.91 19.40 -21.33
C ALA F 34 4.31 19.07 -20.82
N LYS F 35 4.45 18.76 -19.53
CA LYS F 35 5.73 18.41 -18.92
C LYS F 35 6.76 19.53 -19.10
N ASP F 36 6.27 20.76 -19.03
CA ASP F 36 7.11 21.96 -19.17
C ASP F 36 7.53 22.41 -17.78
N PHE F 37 8.75 22.09 -17.38
CA PHE F 37 9.22 22.41 -16.04
C PHE F 37 9.54 23.88 -15.84
N ASP F 38 9.80 24.63 -16.91
CA ASP F 38 10.13 26.05 -16.76
C ASP F 38 8.92 26.84 -16.30
N SER F 39 7.78 26.68 -17.00
CA SER F 39 6.55 27.34 -16.57
C SER F 39 6.14 26.90 -15.17
N TYR F 40 6.28 25.60 -14.88
CA TYR F 40 5.98 25.08 -13.55
C TYR F 40 6.81 25.77 -12.49
N SER F 41 8.12 25.91 -12.73
CA SER F 41 8.99 26.58 -11.77
C SER F 41 8.66 28.06 -11.66
N LYS F 42 8.15 28.67 -12.73
CA LYS F 42 7.73 30.07 -12.64
C LYS F 42 6.47 30.22 -11.80
N LEU F 43 5.60 29.22 -11.79
CA LEU F 43 4.33 29.32 -11.07
C LEU F 43 4.37 28.77 -9.66
N VAL F 44 5.45 28.13 -9.24
CA VAL F 44 5.49 27.38 -7.99
C VAL F 44 6.62 27.89 -7.13
N ASP F 45 6.33 28.15 -5.85
CA ASP F 45 7.35 28.56 -4.90
C ASP F 45 8.35 27.43 -4.68
N PRO F 46 9.65 27.74 -4.52
CA PRO F 46 10.64 26.67 -4.36
C PRO F 46 10.47 25.83 -3.11
N LYS F 47 9.76 26.31 -2.08
CA LYS F 47 9.57 25.54 -0.86
C LYS F 47 8.12 25.13 -0.72
N ILE F 48 7.57 24.51 -1.75
CA ILE F 48 6.14 24.16 -1.77
C ILE F 48 5.92 22.86 -1.02
N THR F 49 4.92 22.85 -0.15
CA THR F 49 4.47 21.62 0.50
C THR F 49 3.42 20.95 -0.36
N ALA F 50 3.36 19.62 -0.28
CA ALA F 50 2.53 18.85 -1.18
C ALA F 50 2.01 17.59 -0.49
N PHE F 51 0.72 17.33 -0.71
CA PHE F 51 0.04 16.09 -0.34
C PHE F 51 -0.51 15.48 -1.63
N GLU F 52 0.05 14.35 -2.04
CA GLU F 52 -0.39 13.71 -3.27
C GLU F 52 -0.25 12.20 -3.10
N PRO F 53 -1.00 11.40 -3.86
CA PRO F 53 -0.87 9.95 -3.76
C PRO F 53 0.54 9.44 -4.04
N GLU F 54 1.32 10.18 -4.82
CA GLU F 54 2.71 9.81 -5.06
C GLU F 54 3.59 9.97 -3.83
N ALA F 55 3.11 10.69 -2.81
CA ALA F 55 3.89 10.90 -1.59
C ALA F 55 3.60 9.87 -0.50
N LEU F 56 2.63 8.98 -0.73
CA LEU F 56 2.33 7.89 0.18
C LEU F 56 1.98 8.40 1.58
N GLY F 57 1.01 9.31 1.63
CA GLY F 57 0.50 9.80 2.90
C GLY F 57 1.50 10.66 3.64
N ASN F 58 2.60 11.01 2.98
CA ASN F 58 3.57 11.94 3.54
C ASN F 58 3.41 13.31 2.89
N GLN F 59 3.94 14.32 3.58
CA GLN F 59 3.98 15.68 3.06
C GLN F 59 5.37 15.95 2.53
N VAL F 60 5.49 16.26 1.24
CA VAL F 60 6.79 16.49 0.63
C VAL F 60 6.98 17.99 0.44
N GLU F 61 8.24 18.41 0.34
CA GLU F 61 8.57 19.81 0.16
C GLU F 61 9.65 19.95 -0.89
N GLY F 62 9.56 21.02 -1.66
CA GLY F 62 10.56 21.33 -2.67
C GLY F 62 10.11 20.93 -4.07
N LEU F 63 10.94 21.31 -5.04
CA LEU F 63 10.65 21.05 -6.44
C LEU F 63 11.19 19.71 -6.91
N GLU F 64 12.27 19.22 -6.30
CA GLU F 64 12.94 18.02 -6.79
C GLU F 64 11.99 16.82 -6.82
N PHE F 65 11.07 16.74 -5.85
CA PHE F 65 10.14 15.62 -5.81
C PHE F 65 9.22 15.61 -7.02
N HIS F 66 8.79 16.78 -7.48
CA HIS F 66 7.99 16.87 -8.70
C HIS F 66 8.85 16.98 -9.95
N LYS F 67 10.01 17.62 -9.84
CA LYS F 67 10.94 17.66 -10.96
C LYS F 67 11.22 16.25 -11.46
N PHE F 68 11.67 15.36 -10.57
CA PHE F 68 11.89 13.95 -10.91
C PHE F 68 10.85 13.43 -11.90
N TYR F 69 9.58 13.75 -11.63
CA TYR F 69 8.51 13.37 -12.56
C TYR F 69 8.66 14.08 -13.88
N PHE F 70 9.10 15.35 -13.86
CA PHE F 70 9.28 16.04 -15.14
C PHE F 70 10.43 15.47 -15.96
N ASP F 71 11.48 14.92 -15.31
CA ASP F 71 12.61 14.41 -16.07
C ASP F 71 12.25 13.14 -16.84
N ASN F 72 11.38 12.29 -16.29
CA ASN F 72 11.09 10.97 -16.84
C ASN F 72 9.62 10.89 -17.25
N LEU F 73 9.38 10.75 -18.58
CA LEU F 73 8.12 10.49 -19.29
C LEU F 73 8.19 11.12 -20.67
N PRO F 74 7.21 10.91 -21.57
CA PRO F 74 7.34 11.63 -22.85
C PRO F 74 6.75 13.04 -22.82
N THR F 79 1.37 14.34 -25.69
CA THR F 79 1.02 14.08 -27.08
C THR F 79 -0.48 13.81 -27.24
N THR F 80 -1.11 13.27 -26.19
CA THR F 80 -2.56 13.06 -26.14
C THR F 80 -3.01 13.08 -24.69
N VAL F 81 -3.57 14.21 -24.24
CA VAL F 81 -4.19 14.32 -22.92
C VAL F 81 -5.27 15.40 -22.98
N ASN F 82 -6.18 15.38 -22.01
CA ASN F 82 -7.21 16.43 -21.95
C ASN F 82 -7.70 16.58 -20.53
N THR F 83 -7.43 17.74 -19.91
CA THR F 83 -7.82 18.00 -18.53
C THR F 83 -8.92 19.06 -18.45
N THR F 84 -9.79 18.87 -17.46
CA THR F 84 -10.99 19.68 -17.27
C THR F 84 -11.13 20.00 -15.79
N ILE F 85 -11.34 21.28 -15.49
CA ILE F 85 -11.46 21.78 -14.12
C ILE F 85 -12.94 21.97 -13.82
N LEU F 86 -13.43 21.15 -12.90
CA LEU F 86 -14.83 21.02 -12.55
C LEU F 86 -15.13 21.83 -11.30
N ALA F 87 -16.10 22.74 -11.42
CA ALA F 87 -16.68 23.60 -10.39
C ALA F 87 -15.60 24.20 -9.49
N PRO F 88 -14.74 25.08 -10.03
CA PRO F 88 -13.69 25.67 -9.19
C PRO F 88 -14.29 26.62 -8.16
N HIS F 89 -13.97 26.38 -6.89
CA HIS F 89 -14.29 27.33 -5.82
C HIS F 89 -13.02 28.10 -5.50
N VAL F 90 -13.10 29.42 -5.59
CA VAL F 90 -11.97 30.29 -5.29
C VAL F 90 -12.36 31.17 -4.12
N GLN F 91 -11.59 31.10 -3.04
CA GLN F 91 -11.80 31.91 -1.86
C GLN F 91 -10.57 32.79 -1.64
N MET F 92 -10.74 34.10 -1.74
CA MET F 92 -9.64 35.02 -1.53
C MET F 92 -9.37 35.20 -0.03
N LEU F 93 -8.10 35.38 0.30
CA LEU F 93 -7.64 35.52 1.68
C LEU F 93 -6.90 36.85 1.79
N GLY F 94 -7.66 37.91 2.02
CA GLY F 94 -7.07 39.23 2.11
C GLY F 94 -6.49 39.67 0.78
N GLU F 95 -5.28 40.24 0.83
CA GLU F 95 -4.61 40.75 -0.36
C GLU F 95 -3.46 39.86 -0.82
N GLU F 96 -3.00 38.94 0.01
CA GLU F 96 -1.86 38.09 -0.32
C GLU F 96 -2.19 36.60 -0.30
N GLY F 97 -3.44 36.22 -0.07
CA GLY F 97 -3.81 34.82 0.00
C GLY F 97 -4.91 34.48 -0.99
N ALA F 98 -4.91 33.22 -1.43
CA ALA F 98 -5.96 32.71 -2.30
C ALA F 98 -6.00 31.20 -2.15
N CYS F 99 -7.20 30.63 -2.17
CA CYS F 99 -7.37 29.19 -2.02
C CYS F 99 -8.38 28.72 -3.07
N ILE F 100 -7.89 28.00 -4.07
CA ILE F 100 -8.74 27.45 -5.12
C ILE F 100 -8.80 25.94 -4.96
N SER F 101 -10.01 25.39 -5.01
CA SER F 101 -10.19 23.94 -4.89
C SER F 101 -11.20 23.49 -5.93
N TYR F 102 -10.94 22.33 -6.53
CA TYR F 102 -11.70 21.93 -7.72
C TYR F 102 -11.58 20.43 -7.91
N VAL F 103 -12.37 19.92 -8.86
CA VAL F 103 -12.32 18.52 -9.26
C VAL F 103 -11.63 18.44 -10.62
N ARG F 104 -10.48 17.79 -10.67
CA ARG F 104 -9.70 17.63 -11.89
C ARG F 104 -10.07 16.34 -12.61
N LEU F 105 -10.41 16.47 -13.89
CA LEU F 105 -10.86 15.35 -14.73
C LEU F 105 -9.91 15.21 -15.91
N THR F 106 -9.13 14.13 -15.92
CA THR F 106 -8.08 13.91 -16.91
C THR F 106 -8.48 12.78 -17.84
N GLN F 107 -8.22 12.97 -19.14
CA GLN F 107 -8.52 11.97 -20.16
C GLN F 107 -7.24 11.60 -20.90
N GLY F 108 -7.03 10.30 -21.08
CA GLY F 108 -5.85 9.85 -21.76
C GLY F 108 -5.95 8.43 -22.27
N ILE F 109 -4.82 7.95 -22.77
CA ILE F 109 -4.69 6.63 -23.40
C ILE F 109 -3.62 5.85 -22.65
N GLY F 110 -3.94 4.64 -22.22
CA GLY F 110 -3.01 3.80 -21.49
C GLY F 110 -2.19 2.92 -22.40
N PRO F 111 -1.90 1.69 -21.95
CA PRO F 111 -1.11 0.75 -22.76
C PRO F 111 -1.77 0.44 -24.10
N ASP F 112 -3.01 -0.05 -24.07
CA ASP F 112 -3.75 -0.34 -25.28
C ASP F 112 -4.61 0.87 -25.65
N GLY F 113 -5.09 0.88 -26.90
CA GLY F 113 -5.78 2.03 -27.44
C GLY F 113 -7.20 2.23 -26.96
N LEU F 114 -7.39 2.29 -25.65
CA LEU F 114 -8.71 2.49 -25.06
C LEU F 114 -8.76 3.82 -24.32
N PRO F 115 -9.85 4.58 -24.45
CA PRO F 115 -9.94 5.88 -23.75
C PRO F 115 -10.25 5.68 -22.28
N ARG F 116 -9.47 6.34 -21.42
CA ARG F 116 -9.72 6.24 -19.99
C ARG F 116 -9.70 7.62 -19.35
N THR F 117 -10.51 7.75 -18.29
CA THR F 117 -10.68 9.00 -17.56
C THR F 117 -10.35 8.77 -16.09
N THR F 118 -9.56 9.69 -15.52
CA THR F 118 -9.20 9.67 -14.12
C THR F 118 -9.72 10.94 -13.46
N GLN F 119 -10.09 10.83 -12.18
CA GLN F 119 -10.63 11.96 -11.43
C GLN F 119 -9.85 12.13 -10.13
N SER F 120 -9.45 13.36 -9.84
CA SER F 120 -8.78 13.68 -8.59
C SER F 120 -9.38 14.96 -8.02
N GLU F 121 -9.27 15.13 -6.71
CA GLU F 121 -9.71 16.35 -6.04
C GLU F 121 -8.47 17.14 -5.65
N GLU F 122 -8.39 18.39 -6.09
CA GLU F 122 -7.19 19.19 -5.84
C GLU F 122 -7.55 20.45 -5.06
N THR F 123 -6.69 20.79 -4.10
CA THR F 123 -6.75 22.05 -3.38
C THR F 123 -5.40 22.73 -3.50
N ARG F 124 -5.36 23.87 -4.20
CA ARG F 124 -4.14 24.63 -4.38
C ARG F 124 -4.27 25.97 -3.67
N VAL F 125 -3.21 26.36 -2.95
CA VAL F 125 -3.15 27.57 -2.17
C VAL F 125 -2.10 28.48 -2.77
N TRP F 126 -2.53 29.66 -3.22
CA TRP F 126 -1.67 30.65 -3.84
C TRP F 126 -1.37 31.78 -2.87
N GLN F 127 -0.12 32.24 -2.89
CA GLN F 127 0.32 33.36 -2.07
C GLN F 127 0.89 34.44 -2.98
N LYS F 128 0.51 35.69 -2.73
CA LYS F 128 0.96 36.82 -3.52
C LYS F 128 2.28 37.31 -2.93
N LYS F 129 3.39 36.88 -3.52
CA LYS F 129 4.73 37.22 -3.07
C LYS F 129 5.36 38.17 -4.07
N LYS F 130 5.61 39.41 -3.64
CA LYS F 130 6.19 40.46 -4.49
C LYS F 130 5.32 40.70 -5.73
N GLY F 131 4.02 40.90 -5.50
CA GLY F 131 3.10 41.24 -6.56
C GLY F 131 2.71 40.12 -7.50
N VAL F 132 3.40 38.98 -7.46
CA VAL F 132 3.07 37.84 -8.31
C VAL F 132 2.53 36.73 -7.43
N TRP F 133 1.66 35.91 -8.03
CA TRP F 133 1.07 34.78 -7.33
C TRP F 133 1.93 33.54 -7.52
N LEU F 134 2.14 32.80 -6.43
CA LEU F 134 2.88 31.55 -6.46
C LEU F 134 2.09 30.49 -5.71
N ASN F 135 2.17 29.26 -6.21
CA ASN F 135 1.52 28.12 -5.55
C ASN F 135 2.46 27.60 -4.46
N VAL F 136 2.02 27.73 -3.20
CA VAL F 136 2.87 27.38 -2.06
C VAL F 136 2.49 26.04 -1.43
N HIS F 137 1.34 25.48 -1.78
CA HIS F 137 0.89 24.22 -1.21
C HIS F 137 -0.25 23.68 -2.06
N PHE F 138 -0.22 22.39 -2.35
CA PHE F 138 -1.34 21.75 -3.02
C PHE F 138 -1.57 20.37 -2.43
N HIS F 139 -2.82 19.91 -2.56
CA HIS F 139 -3.29 18.69 -1.92
C HIS F 139 -4.07 17.91 -2.97
N ARG F 140 -3.52 16.78 -3.39
CA ARG F 140 -4.12 15.93 -4.42
C ARG F 140 -4.67 14.69 -3.76
N SER F 141 -5.97 14.44 -3.95
CA SER F 141 -6.66 13.31 -3.34
C SER F 141 -7.40 12.54 -4.43
N VAL F 142 -7.70 11.29 -4.15
CA VAL F 142 -8.51 10.45 -5.03
C VAL F 142 -9.43 9.60 -4.18
N SER F 143 -10.73 9.64 -4.47
CA SER F 143 -11.71 8.85 -3.74
C SER F 143 -11.81 7.44 -4.34
N ARG F 144 -12.32 6.53 -3.53
CA ARG F 144 -12.40 5.12 -3.93
C ARG F 144 -13.81 4.76 -4.40
N HIS G 3 -20.89 1.52 -41.88
N HIS G 3 -24.93 3.10 -41.64
CA HIS G 3 -21.68 1.72 -40.67
CA HIS G 3 -25.59 2.99 -40.35
C HIS G 3 -22.84 2.67 -40.90
C HIS G 3 -26.88 3.83 -40.30
N THR G 4 -24.02 2.30 -40.41
N THR G 4 -27.93 3.26 -39.72
CA THR G 4 -25.21 3.11 -40.57
CA THR G 4 -29.22 3.91 -39.66
C THR G 4 -26.04 3.02 -39.29
C THR G 4 -29.91 3.57 -38.33
N ILE G 5 -26.87 4.04 -39.07
N ILE G 5 -30.79 4.46 -37.90
CA ILE G 5 -27.69 4.15 -37.87
CA ILE G 5 -31.50 4.32 -36.63
C ILE G 5 -29.14 3.92 -38.26
C ILE G 5 -32.94 3.92 -36.91
N ILE G 6 -29.89 3.26 -37.37
N ILE G 6 -33.49 3.06 -36.06
CA ILE G 6 -31.28 2.90 -37.66
CA ILE G 6 -34.86 2.57 -36.22
C ILE G 6 -32.16 3.33 -36.49
C ILE G 6 -35.63 2.90 -34.95
N GLU G 7 -33.26 4.00 -36.80
N GLU G 7 -36.79 3.54 -35.12
CA GLU G 7 -34.24 4.38 -35.79
CA GLU G 7 -37.67 3.87 -34.01
C GLU G 7 -35.39 3.38 -35.77
C GLU G 7 -38.77 2.83 -33.87
N GLU G 8 -36.02 3.25 -34.59
N GLU G 8 -39.19 2.59 -32.62
CA GLU G 8 -37.14 2.31 -34.44
CA GLU G 8 -40.25 1.61 -32.35
C GLU G 8 -38.30 3.04 -33.76
C GLU G 8 -41.38 2.26 -31.55
N ASP G 9 -39.17 3.66 -34.57
N ASP G 9 -42.33 2.90 -32.26
CA ASP G 9 -40.35 4.34 -34.05
CA ASP G 9 -43.49 3.51 -31.61
C ASP G 9 -41.43 3.39 -33.57
C ASP G 9 -44.50 2.48 -31.08
N THR G 10 -41.30 2.09 -33.88
N THR G 10 -44.21 1.19 -31.22
CA THR G 10 -42.30 1.09 -33.53
CA THR G 10 -45.11 0.10 -30.81
C THR G 10 -43.68 1.46 -34.05
C THR G 10 -46.42 0.26 -31.59
N GLU G 11 -44.59 1.83 -33.17
N GLU G 11 -47.56 0.37 -30.93
CA GLU G 11 -45.96 2.14 -33.52
CA GLU G 11 -48.85 0.47 -31.60
C GLU G 11 -46.17 3.65 -33.57
C GLU G 11 -49.33 1.91 -31.64
N SER G 12 -47.25 4.05 -34.26
N SER G 12 -50.24 2.18 -32.59
CA SER G 12 -47.70 5.44 -34.35
CA SER G 12 -50.93 3.46 -32.72
C SER G 12 -46.72 6.32 -35.12
C SER G 12 -49.97 4.59 -33.10
N THR G 13 -47.17 7.53 -35.48
N THR G 13 -50.49 5.80 -33.21
CA THR G 13 -46.37 8.47 -36.23
CA THR G 13 -49.74 6.96 -33.68
C THR G 13 -46.15 9.74 -35.41
C THR G 13 -49.73 8.06 -32.63
N LYS G 14 -44.92 10.22 -35.40
N LYS G 14 -48.61 8.77 -32.55
CA LYS G 14 -44.58 11.43 -34.66
CA LYS G 14 -48.48 9.89 -31.63
C LYS G 14 -44.96 12.67 -35.46
C LYS G 14 -49.09 11.16 -32.25
N THR G 15 -45.02 13.81 -34.76
N THR G 15 -49.25 12.18 -31.42
CA THR G 15 -45.34 15.07 -35.42
CA THR G 15 -49.65 13.48 -31.94
C THR G 15 -44.16 15.51 -36.30
C THR G 15 -48.50 14.09 -32.75
N GLN G 16 -44.43 16.48 -37.17
N GLN G 16 -48.86 15.01 -33.64
CA GLN G 16 -43.39 16.96 -38.08
CA GLN G 16 -47.87 15.55 -34.58
C GLN G 16 -42.25 17.64 -37.35
C GLN G 16 -46.74 16.26 -33.84
N ARG G 17 -42.50 18.14 -36.14
N ARG G 17 -47.07 17.05 -32.81
CA ARG G 17 -41.45 18.82 -35.37
CA ARG G 17 -46.04 17.77 -32.06
C ARG G 17 -40.46 17.80 -34.80
C ARG G 17 -44.96 16.85 -31.54
N GLU G 18 -40.97 16.81 -34.07
N GLU G 18 -45.36 15.79 -30.81
CA GLU G 18 -40.10 15.85 -33.39
CA GLU G 18 -44.37 14.88 -30.24
C GLU G 18 -39.39 14.91 -34.36
C GLU G 18 -43.72 14.02 -31.31
N GLN G 19 -39.98 14.68 -35.54
N GLN G 19 -44.42 13.75 -32.41
CA GLN G 19 -39.31 13.86 -36.55
CA GLN G 19 -43.78 13.09 -33.55
C GLN G 19 -37.95 14.47 -36.93
C GLN G 19 -42.56 13.87 -34.02
N GLU G 20 -37.88 15.80 -37.04
N GLU G 20 -42.68 15.20 -34.08
CA GLU G 20 -36.61 16.45 -37.31
CA GLU G 20 -41.49 16.00 -34.42
C GLU G 20 -35.64 16.30 -36.14
C GLU G 20 -40.38 15.78 -33.41
N ILE G 21 -36.15 16.31 -34.91
N ILE G 21 -40.71 15.67 -32.12
CA ILE G 21 -35.29 16.08 -33.75
CA ILE G 21 -39.68 15.47 -31.10
C ILE G 21 -34.66 14.70 -33.82
C ILE G 21 -38.97 14.15 -31.32
N ILE G 22 -35.45 13.70 -34.23
N ILE G 22 -39.71 13.12 -31.74
CA ILE G 22 -34.90 12.35 -34.36
CA ILE G 22 -39.08 11.83 -32.04
C ILE G 22 -33.89 12.28 -35.50
C ILE G 22 -38.16 11.98 -33.25
N ARG G 23 -34.17 12.94 -36.63
N ARG G 23 -38.56 12.75 -34.26
CA ARG G 23 -33.21 12.91 -37.73
CA ARG G 23 -37.69 12.94 -35.42
C ARG G 23 -31.91 13.59 -37.34
C ARG G 23 -36.41 13.70 -35.04
N LEU G 24 -31.98 14.69 -36.58
N LEU G 24 -36.54 14.73 -34.21
CA LEU G 24 -30.78 15.38 -36.15
CA LEU G 24 -35.38 15.50 -33.77
C LEU G 24 -30.00 14.55 -35.14
C LEU G 24 -34.44 14.64 -32.95
N THR G 25 -30.70 13.83 -34.27
N THR G 25 -34.99 13.76 -32.10
CA THR G 25 -30.01 12.90 -33.38
CA THR G 25 -34.15 12.81 -31.39
C THR G 25 -29.29 11.81 -34.17
C THR G 25 -33.44 11.88 -32.36
N GLN G 26 -29.93 11.33 -35.25
N GLN G 26 -34.13 11.48 -33.43
CA GLN G 26 -29.28 10.34 -36.11
CA GLN G 26 -33.49 10.64 -34.45
C GLN G 26 -28.02 10.90 -36.76
C GLN G 26 -32.29 11.34 -35.07
N GLN G 27 -28.09 12.15 -37.24
N GLN G 27 -32.47 12.58 -35.51
CA GLN G 27 -26.91 12.77 -37.82
CA GLN G 27 -31.35 13.32 -36.09
C GLN G 27 -25.81 12.95 -36.79
C GLN G 27 -30.25 13.53 -35.07
N LEU G 28 -26.19 13.28 -35.55
N LEU G 28 -30.60 13.68 -33.80
CA LEU G 28 -25.23 13.44 -34.47
CA LEU G 28 -29.60 13.86 -32.75
C LEU G 28 -24.49 12.15 -34.18
C LEU G 28 -28.73 12.62 -32.61
N ILE G 29 -25.24 11.09 -33.86
N ILE G 29 -29.36 11.46 -32.35
CA ILE G 29 -24.60 9.80 -33.59
CA ILE G 29 -28.62 10.22 -32.20
C ILE G 29 -23.85 9.30 -34.82
C ILE G 29 -27.87 9.88 -33.48
N THR G 30 -24.27 9.69 -36.02
N THR G 30 -28.41 10.28 -34.64
CA THR G 30 -23.52 9.34 -37.22
CA THR G 30 -27.68 10.08 -35.90
C THR G 30 -22.15 10.00 -37.23
C THR G 30 -26.41 10.91 -35.92
N SER G 31 -22.08 11.28 -36.87
N SER G 31 -26.48 12.16 -35.49
CA SER G 31 -20.77 11.93 -36.76
CA SER G 31 -25.28 12.99 -35.40
C SER G 31 -19.95 11.33 -35.64
C SER G 31 -24.29 12.41 -34.40
N ILE G 32 -20.60 10.73 -34.63
N ILE G 32 -24.77 11.68 -33.40
CA ILE G 32 -19.84 10.08 -33.56
CA ILE G 32 -23.86 11.06 -32.43
C ILE G 32 -19.23 8.77 -34.05
C ILE G 32 -23.18 9.84 -33.05
N THR G 33 -20.02 7.92 -34.71
N THR G 33 -23.95 8.95 -33.69
CA THR G 33 -19.52 6.61 -35.11
CA THR G 33 -23.39 7.72 -34.22
C THR G 33 -18.55 6.72 -36.28
C THR G 33 -22.53 7.99 -35.45
N ALA G 34 -18.71 7.72 -37.14
N ALA G 34 -22.93 8.93 -36.30
CA ALA G 34 -17.77 7.96 -38.24
CA ALA G 34 -22.14 9.30 -37.45
C ALA G 34 -16.61 8.84 -37.84
C ALA G 34 -21.01 10.28 -37.11
N LYS G 35 -16.60 9.36 -36.61
N LYS G 35 -20.95 10.74 -35.86
CA LYS G 35 -15.50 10.18 -36.08
CA LYS G 35 -19.87 11.62 -35.38
C LYS G 35 -15.27 11.43 -36.94
C LYS G 35 -19.81 12.92 -36.19
N ASP G 36 -16.36 12.03 -37.40
N ASP G 36 -20.98 13.45 -36.54
CA ASP G 36 -16.31 13.27 -38.17
CA ASP G 36 -21.09 14.74 -37.23
C ASP G 36 -16.63 14.42 -37.23
C ASP G 36 -21.40 15.80 -36.18
N PHE G 37 -15.59 15.10 -36.74
N PHE G 37 -20.35 16.47 -35.69
CA PHE G 37 -15.81 16.17 -35.78
CA PHE G 37 -20.52 17.45 -34.63
C PHE G 37 -16.42 17.42 -36.41
C PHE G 37 -21.28 18.69 -35.08
N ASP G 38 -16.28 17.61 -37.72
N ASP G 38 -21.29 18.98 -36.38
CA ASP G 38 -16.89 18.78 -38.35
CA ASP G 38 -22.01 20.16 -36.85
C ASP G 38 -18.41 18.70 -38.26
C ASP G 38 -23.50 19.99 -36.67
N SER G 39 -18.99 17.58 -38.73
N SER G 39 -24.05 18.85 -37.11
CA SER G 39 -20.42 17.37 -38.61
CA SER G 39 -25.46 18.57 -36.88
C SER G 39 -20.87 17.38 -37.14
C SER G 39 -25.79 18.51 -35.39
N TYR G 40 -20.03 16.91 -36.24
N TYR G 40 -24.92 17.86 -34.61
CA TYR G 40 -20.37 16.93 -34.82
CA TYR G 40 -25.13 17.79 -33.16
C TYR G 40 -20.43 18.35 -34.29
C TYR G 40 -25.21 19.18 -32.55
N SER G 41 -19.48 19.19 -34.71
N SER G 41 -24.31 20.08 -32.94
CA SER G 41 -19.42 20.57 -34.23
CA SER G 41 -24.34 21.44 -32.42
C SER G 41 -20.56 21.40 -34.79
C SER G 41 -25.56 22.20 -32.90
N LYS G 42 -21.03 21.08 -36.00
N LYS G 42 -26.05 21.91 -34.11
CA LYS G 42 -22.17 21.84 -36.53
CA LYS G 42 -27.27 22.54 -34.57
C LYS G 42 -23.45 21.58 -35.75
C LYS G 42 -28.50 22.04 -33.82
N LEU G 43 -23.59 20.38 -35.15
N LEU G 43 -28.45 20.83 -33.25
CA LEU G 43 -24.83 20.00 -34.48
CA LEU G 43 -29.59 20.31 -32.49
C LEU G 43 -24.79 20.21 -32.97
C LEU G 43 -29.45 20.47 -30.99
N VAL G 44 -23.65 20.59 -32.41
N VAL G 44 -28.30 20.93 -30.49
CA VAL G 44 -23.47 20.68 -30.96
CA VAL G 44 -28.03 20.99 -29.06
C VAL G 44 -23.10 22.10 -30.59
C VAL G 44 -27.64 22.40 -28.69
N ASP G 45 -23.74 22.63 -29.55
N ASP G 45 -28.18 22.90 -27.58
CA ASP G 45 -23.41 23.94 -29.04
CA ASP G 45 -27.80 24.21 -27.06
C ASP G 45 -22.01 23.92 -28.40
C ASP G 45 -26.35 24.16 -26.54
N PRO G 46 -21.19 24.95 -28.63
N PRO G 46 -25.58 25.23 -26.74
CA PRO G 46 -19.82 24.93 -28.11
CA PRO G 46 -24.17 25.21 -26.28
C PRO G 46 -19.74 24.89 -26.59
C PRO G 46 -24.00 25.12 -24.77
N LYS G 47 -20.79 25.29 -25.89
N LYS G 47 -25.07 25.24 -23.99
CA LYS G 47 -20.81 25.22 -24.42
CA LYS G 47 -25.00 25.14 -22.53
C LYS G 47 -21.77 24.13 -23.97
C LYS G 47 -25.96 24.04 -22.07
N ILE G 48 -21.52 22.89 -24.39
N ILE G 48 -25.59 22.80 -22.35
CA ILE G 48 -22.42 21.78 -24.10
CA ILE G 48 -26.40 21.63 -22.07
C ILE G 48 -22.01 21.12 -22.79
C ILE G 48 -25.80 20.87 -20.90
N THR G 49 -22.98 20.90 -21.91
N THR G 49 -26.64 20.54 -19.92
CA THR G 49 -22.78 20.10 -20.73
CA THR G 49 -26.22 19.68 -18.82
C THR G 49 -23.02 18.63 -21.05
C THR G 49 -26.37 18.20 -19.21
N ALA G 50 -22.36 17.75 -20.29
N ALA G 50 -25.85 17.31 -18.37
CA ALA G 50 -22.37 16.34 -20.61
CA ALA G 50 -25.82 15.90 -18.71
C ALA G 50 -22.26 15.50 -19.34
C ALA G 50 -25.44 15.06 -17.51
N PHE G 51 -23.05 14.42 -19.31
N PHE G 51 -25.86 13.80 -17.56
CA PHE G 51 -23.02 13.39 -18.28
CA PHE G 51 -25.46 12.78 -16.59
C PHE G 51 -22.81 12.05 -18.99
C PHE G 51 -25.14 11.51 -17.38
N GLU G 52 -21.65 11.44 -18.82
N GLU G 52 -23.86 11.19 -17.51
CA GLU G 52 -21.35 10.19 -19.49
CA GLU G 52 -23.47 10.01 -18.26
C GLU G 52 -20.39 9.37 -18.63
C GLU G 52 -22.37 9.28 -17.51
N PRO G 53 -20.36 8.05 -18.80
N PRO G 53 -22.32 7.94 -17.63
CA PRO G 53 -19.42 7.23 -18.01
CA PRO G 53 -21.24 7.19 -16.96
C PRO G 53 -17.97 7.61 -18.23
C PRO G 53 -19.84 7.58 -17.43
N GLU G 54 -17.62 8.22 -19.36
N GLU G 54 -19.71 8.16 -18.62
CA GLU G 54 -16.29 8.75 -19.57
CA GLU G 54 -18.42 8.66 -19.07
C GLU G 54 -16.04 10.02 -18.78
C GLU G 54 -17.95 9.85 -18.23
N ALA G 55 -17.04 10.55 -18.09
N ALA G 55 -18.85 10.47 -17.48
CA ALA G 55 -16.88 11.70 -17.22
CA ALA G 55 -18.50 11.55 -16.56
C ALA G 55 -16.83 11.33 -15.74
C ALA G 55 -18.03 11.05 -15.20
N LEU G 56 -17.06 10.06 -15.41
N LEU G 56 -18.13 9.75 -14.93
CA LEU G 56 -16.97 9.56 -14.03
CA LEU G 56 -17.67 9.14 -13.69
C LEU G 56 -17.97 10.27 -13.11
C LEU G 56 -18.37 9.75 -12.47
N GLY G 57 -19.21 10.39 -13.58
N GLY G 57 -19.70 9.83 -12.56
CA GLY G 57 -20.26 10.99 -12.79
CA GLY G 57 -20.50 10.39 -11.49
C GLY G 57 -20.22 12.50 -12.70
C GLY G 57 -20.49 11.90 -11.41
N ASN G 58 -19.29 13.16 -13.39
N ASN G 58 -19.56 12.57 -12.10
CA ASN G 58 -19.21 14.61 -13.43
CA ASN G 58 -19.46 14.02 -12.05
C ASN G 58 -19.86 15.13 -14.71
C ASN G 58 -20.54 14.65 -12.94
N GLN G 59 -20.12 16.44 -14.73
N GLN G 59 -20.48 15.97 -13.08
CA GLN G 59 -20.75 17.11 -15.86
CA GLN G 59 -21.45 16.72 -13.87
C GLN G 59 -19.73 18.02 -16.51
C GLN G 59 -20.69 17.57 -14.89
N VAL G 60 -19.30 17.69 -17.72
N VAL G 60 -21.13 17.53 -16.14
CA VAL G 60 -18.23 18.43 -18.38
CA VAL G 60 -20.48 18.27 -17.21
C VAL G 60 -18.84 19.42 -19.37
C VAL G 60 -21.52 19.15 -17.91
N GLU G 61 -18.07 20.47 -19.68
N GLU G 61 -21.04 20.25 -18.49
CA GLU G 61 -18.50 21.49 -20.62
CA GLU G 61 -21.89 21.19 -19.20
C GLU G 61 -17.45 21.66 -21.71
C GLU G 61 -21.13 21.72 -20.41
N GLY G 62 -17.91 22.01 -22.90
N GLY G 62 -21.86 21.92 -21.50
CA GLY G 62 -17.03 22.32 -24.00
CA GLY G 62 -21.29 22.46 -22.72
C GLY G 62 -16.95 21.18 -25.02
C GLY G 62 -21.00 21.38 -23.76
N LEU G 63 -16.40 21.52 -26.18
N LEU G 63 -20.67 21.84 -24.96
CA LEU G 63 -16.25 20.56 -27.27
CA LEU G 63 -20.41 20.95 -26.08
C LEU G 63 -14.97 19.74 -27.17
C LEU G 63 -19.01 20.37 -26.06
N GLU G 64 -13.96 20.25 -26.48
N GLU G 64 -18.06 21.05 -25.40
CA GLU G 64 -12.65 19.60 -26.51
CA GLU G 64 -16.66 20.62 -25.47
C GLU G 64 -12.64 18.30 -25.71
C GLU G 64 -16.48 19.21 -24.93
N PHE G 65 -13.38 18.27 -24.60
N PHE G 65 -17.08 18.93 -23.77
CA PHE G 65 -13.49 17.04 -23.81
CA PHE G 65 -16.94 17.60 -23.15
C PHE G 65 -13.92 15.86 -24.67
C PHE G 65 -17.43 16.50 -24.08
N HIS G 66 -14.81 16.10 -25.63
N HIS G 66 -18.53 16.75 -24.80
CA HIS G 66 -15.21 15.08 -26.58
CA HIS G 66 -19.01 15.77 -25.76
C HIS G 66 -14.31 15.05 -27.81
C HIS G 66 -18.25 15.86 -27.08
N LYS G 67 -13.69 16.19 -28.15
N LYS G 67 -17.76 17.05 -27.45
CA LYS G 67 -12.79 16.22 -29.30
CA LYS G 67 -16.94 17.18 -28.64
C LYS G 67 -11.56 15.35 -29.09
C LYS G 67 -15.66 16.36 -28.55
N PHE G 68 -11.19 15.08 -27.84
N PHE G 68 -15.19 16.07 -27.33
CA PHE G 68 -10.10 14.13 -27.58
CA PHE G 68 -14.05 15.17 -27.20
C PHE G 68 -10.41 12.77 -28.18
C PHE G 68 -14.33 13.81 -27.84
N TYR G 69 -11.68 12.35 -28.14
N TYR G 69 -15.58 13.37 -27.85
CA TYR G 69 -12.04 11.01 -28.62
CA TYR G 69 -15.92 12.06 -28.42
C TYR G 69 -12.07 10.95 -30.14
C TYR G 69 -16.15 12.11 -29.92
N PHE G 70 -12.32 12.08 -30.82
N PHE G 70 -16.39 13.31 -30.49
CA PHE G 70 -12.34 12.08 -32.26
CA PHE G 70 -16.53 13.43 -31.92
C PHE G 70 -10.95 11.85 -32.86
C PHE G 70 -15.19 13.37 -32.65
N ASP G 71 -9.90 12.24 -32.13
N ASP G 71 -14.11 13.77 -31.97
CA ASP G 71 -8.53 12.09 -32.59
CA ASP G 71 -12.77 13.78 -32.56
C ASP G 71 -7.90 10.77 -32.16
C ASP G 71 -12.00 12.50 -32.27
N ASN G 72 -8.68 9.70 -32.09
N ASN G 72 -12.68 11.38 -32.11
CA ASN G 72 -8.17 8.41 -31.64
CA ASN G 72 -12.02 10.11 -31.82
C ASN G 72 -8.96 7.29 -32.30
C ASN G 72 -12.78 8.98 -32.50
N LEU G 73 -8.24 6.27 -32.78
N LEU G 73 -12.03 8.07 -33.13
CA LEU G 73 -8.79 5.05 -33.40
CA LEU G 73 -12.52 6.88 -33.82
C LEU G 73 -9.44 5.35 -34.74
C LEU G 73 -13.31 7.24 -35.07
N PRO G 74 -9.41 4.40 -35.69
N PRO G 74 -13.27 6.40 -36.12
CA PRO G 74 -10.04 4.59 -37.00
CA PRO G 74 -13.97 6.67 -37.39
C PRO G 74 -11.57 4.59 -36.95
C PRO G 74 -15.48 6.57 -37.25
N THR G 79 -14.47 0.22 -38.01
N THR G 79 -17.26 -0.18 -37.95
CA THR G 79 -14.60 -0.14 -39.42
CA THR G 79 -17.58 -0.31 -39.37
C THR G 79 -16.06 -0.47 -39.77
C THR G 79 -19.09 -0.33 -39.59
N THR G 80 -16.67 -1.35 -38.99
N THR G 80 -19.77 -1.20 -38.84
CA THR G 80 -18.06 -1.76 -39.21
CA THR G 80 -21.21 -1.38 -38.95
C THR G 80 -18.75 -1.81 -37.85
C THR G 80 -21.83 -1.24 -37.57
N VAL G 81 -19.71 -0.91 -37.64
N VAL G 81 -22.82 -0.35 -37.45
CA VAL G 81 -20.52 -0.88 -36.43
CA VAL G 81 -23.56 -0.16 -36.21
C VAL G 81 -21.96 -0.57 -36.81
C VAL G 81 -25.04 -0.06 -36.53
N ASN G 82 -22.88 -0.85 -35.90
N ASN G 82 -25.87 -0.33 -35.52
CA ASN G 82 -24.31 -0.69 -36.17
CA ASN G 82 -27.32 -0.31 -35.72
C ASN G 82 -25.00 -0.13 -34.94
C ASN G 82 -27.99 0.04 -34.40
N THR G 83 -25.38 1.14 -34.98
N THR G 83 -28.58 1.23 -34.32
CA THR G 83 -26.08 1.76 -33.87
CA THR G 83 -29.25 1.69 -33.11
C THR G 83 -27.57 1.92 -34.18
C THR G 83 -30.77 1.63 -33.25
N THR G 84 -28.39 1.57 -33.20
N THR G 84 -31.42 1.17 -32.19
CA THR G 84 -29.83 1.57 -33.31
CA THR G 84 -32.85 0.97 -32.12
C THR G 84 -30.43 2.41 -32.19
C THR G 84 -33.40 1.70 -30.91
N ILE G 85 -31.39 3.25 -32.54
N ILE G 85 -34.39 2.55 -31.13
CA ILE G 85 -32.12 4.11 -31.61
CA ILE G 85 -35.04 3.33 -30.09
C ILE G 85 -33.43 3.41 -31.31
C ILE G 85 -36.27 2.55 -29.61
N LEU G 86 -33.56 2.94 -30.08
N LEU G 86 -36.23 2.15 -28.35
CA LEU G 86 -34.71 2.19 -29.61
CA LEU G 86 -37.24 1.29 -27.75
C LEU G 86 -35.64 3.11 -28.85
C LEU G 86 -38.20 2.13 -26.92
N ALA G 87 -36.90 3.17 -29.30
N ALA G 87 -39.49 2.03 -27.27
CA ALA G 87 -38.04 3.89 -28.75
CA ALA G 87 -40.65 2.61 -26.61
C ALA G 87 -37.68 5.33 -28.42
C ALA G 87 -40.45 4.09 -26.30
N PRO G 88 -37.50 6.19 -29.42
N PRO G 88 -40.54 4.97 -27.30
CA PRO G 88 -37.19 7.60 -29.13
CA PRO G 88 -40.33 6.40 -27.05
C PRO G 88 -38.42 8.32 -28.62
C PRO G 88 -41.51 6.99 -26.31
N HIS G 89 -38.29 8.92 -27.44
N HIS G 89 -41.27 7.48 -25.10
CA HIS G 89 -39.36 9.74 -26.85
CA HIS G 89 -42.30 8.14 -24.30
C HIS G 89 -38.93 11.20 -26.93
C HIS G 89 -42.04 9.64 -24.36
N VAL G 90 -39.64 11.96 -27.75
N VAL G 90 -42.96 10.39 -24.94
CA VAL G 90 -39.34 13.36 -27.99
CA VAL G 90 -42.81 11.83 -25.12
C VAL G 90 -40.47 14.19 -27.40
C VAL G 90 -43.87 12.54 -24.30
N GLN G 91 -40.12 15.09 -26.48
N GLN G 91 -43.44 13.42 -23.40
CA GLN G 91 -41.05 16.04 -25.89
CA GLN G 91 -44.34 14.24 -22.61
C GLN G 91 -40.59 17.44 -26.27
C GLN G 91 -44.13 15.71 -22.98
N MET G 92 -41.45 18.17 -26.98
N MET G 92 -45.22 16.40 -23.30
CA MET G 92 -41.12 19.51 -27.42
CA MET G 92 -45.13 17.78 -23.75
C MET G 92 -41.43 20.52 -26.32
C MET G 92 -45.20 18.73 -22.56
N LEU G 93 -40.59 21.55 -26.25
N LEU G 93 -44.32 19.73 -22.56
CA LEU G 93 -40.72 22.63 -25.28
CA LEU G 93 -44.25 20.69 -21.46
C LEU G 93 -40.79 23.93 -26.07
C LEU G 93 -44.86 22.02 -21.90
N GLY G 94 -42.00 24.32 -26.43
N GLY G 94 -46.18 22.00 -22.08
CA GLY G 94 -42.20 25.51 -27.24
CA GLY G 94 -46.88 23.22 -22.46
C GLY G 94 -41.59 25.36 -28.62
C GLY G 94 -46.44 23.73 -23.81
N GLU G 95 -40.92 26.43 -29.08
N GLU G 95 -46.18 25.04 -23.88
CA GLU G 95 -40.23 26.42 -30.36
CA GLU G 95 -45.67 25.66 -25.10
C GLU G 95 -38.72 26.37 -30.22
C GLU G 95 -44.20 26.00 -24.96
N GLU G 96 -38.18 26.69 -29.04
N GLU G 96 -43.40 25.04 -24.51
CA GLU G 96 -36.75 26.75 -28.82
CA GLU G 96 -41.97 25.29 -24.29
C GLU G 96 -36.26 25.65 -27.88
C GLU G 96 -41.13 24.13 -24.78
N GLY G 97 -37.10 24.68 -27.54
N GLY G 97 -41.11 23.03 -24.04
CA GLY G 97 -36.70 23.60 -26.67
CA GLY G 97 -40.23 21.93 -24.36
C GLY G 97 -37.18 22.26 -27.20
C GLY G 97 -40.90 20.58 -24.30
N ALA G 98 -36.39 21.22 -26.93
N ALA G 98 -40.08 19.53 -24.24
CA ALA G 98 -36.74 19.86 -27.29
CA ALA G 98 -40.57 18.17 -24.22
C ALA G 98 -35.95 18.92 -26.41
C ALA G 98 -39.73 17.36 -23.25
N CYS G 99 -36.55 17.77 -26.10
N CYS G 99 -40.13 16.10 -23.06
CA CYS G 99 -35.86 16.76 -25.28
CA CYS G 99 -39.44 15.19 -22.15
C CYS G 99 -36.18 15.38 -25.82
C CYS G 99 -39.63 13.78 -22.74
N ILE G 100 -35.17 14.68 -26.30
N ILE G 100 -38.65 13.33 -23.50
CA ILE G 100 -35.32 13.33 -26.82
CA ILE G 100 -38.72 12.01 -24.13
C ILE G 100 -34.54 12.38 -25.93
C ILE G 100 -37.79 11.10 -23.34
N SER G 101 -35.19 11.32 -25.47
N SER G 101 -38.40 10.18 -22.59
CA SER G 101 -34.54 10.27 -24.69
CA SER G 101 -37.68 9.08 -21.97
C SER G 101 -34.78 8.93 -25.37
C SER G 101 -37.79 7.86 -22.88
N TYR G 102 -33.75 8.10 -25.40
N TYR G 102 -36.70 7.13 -23.04
CA TYR G 102 -33.81 6.86 -26.18
CA TYR G 102 -36.68 6.05 -24.01
C TYR G 102 -32.82 5.86 -25.62
C TYR G 102 -35.49 5.13 -23.74
N VAL G 103 -32.94 4.61 -26.09
N VAL G 103 -35.45 4.02 -24.47
CA VAL G 103 -31.99 3.55 -25.75
CA VAL G 103 -34.35 3.05 -24.36
C VAL G 103 -31.11 3.30 -26.97
C VAL G 103 -33.56 3.05 -25.66
N ARG G 104 -29.82 3.59 -26.84
N ARG G 104 -32.25 2.84 -25.53
CA ARG G 104 -28.83 3.38 -27.88
CA ARG G 104 -31.35 2.79 -26.68
C ARG G 104 -28.24 1.98 -27.78
C ARG G 104 -30.64 1.44 -26.72
N LEU G 105 -28.39 1.20 -28.85
N LEU G 105 -30.75 0.75 -27.86
CA LEU G 105 -27.93 -0.19 -28.90
CA LEU G 105 -30.13 -0.55 -28.06
C LEU G 105 -26.88 -0.31 -30.00
C LEU G 105 -29.21 -0.49 -29.28
N THR G 106 -25.65 -0.65 -29.62
N THR G 106 -27.93 -0.79 -29.08
CA THR G 106 -24.51 -0.66 -30.52
CA THR G 106 -26.91 -0.59 -30.10
C THR G 106 -24.04 -2.09 -30.75
C THR G 106 -26.25 -1.92 -30.47
N GLN G 107 -23.79 -2.44 -32.01
N GLN G 107 -26.13 -2.17 -31.77
CA GLN G 107 -23.30 -3.75 -32.40
CA GLN G 107 -25.44 -3.33 -32.31
C GLN G 107 -21.94 -3.59 -33.05
C GLN G 107 -24.15 -2.89 -32.99
N GLY G 108 -20.95 -4.33 -32.56
N GLY G 108 -23.07 -3.62 -32.74
CA GLY G 108 -19.61 -4.14 -33.06
CA GLY G 108 -21.81 -3.27 -33.37
C GLY G 108 -18.69 -5.32 -32.79
C GLY G 108 -20.80 -4.40 -33.27
N ILE G 109 -17.41 -5.10 -33.04
N ILE G 109 -19.56 -4.05 -33.61
CA ILE G 109 -16.36 -6.10 -32.90
CA ILE G 109 -18.43 -4.97 -33.63
C ILE G 109 -15.33 -5.58 -31.91
C ILE G 109 -17.35 -4.42 -32.72
N GLY G 110 -14.94 -6.43 -30.96
N GLY G 110 -16.85 -5.24 -31.80
CA GLY G 110 -13.96 -6.07 -29.97
CA GLY G 110 -15.83 -4.84 -30.88
C GLY G 110 -12.55 -6.47 -30.38
C GLY G 110 -14.43 -5.08 -31.41
N PRO G 111 -11.71 -6.82 -29.40
N PRO G 111 -13.51 -5.45 -30.52
CA PRO G 111 -10.33 -7.26 -29.72
CA PRO G 111 -12.13 -5.74 -30.98
C PRO G 111 -10.31 -8.51 -30.57
C PRO G 111 -12.07 -6.92 -31.94
N ASP G 112 -10.96 -9.58 -30.11
N ASP G 112 -12.72 -8.03 -31.60
CA ASP G 112 -11.08 -10.79 -30.90
CA ASP G 112 -12.77 -9.20 -32.47
C ASP G 112 -12.16 -10.61 -31.97
C ASP G 112 -13.88 -9.04 -33.50
N GLY G 113 -12.38 -11.66 -32.77
N GLY G 113 -13.97 -10.01 -34.41
CA GLY G 113 -13.34 -11.59 -33.85
CA GLY G 113 -14.99 -10.00 -35.43
C GLY G 113 -14.73 -12.05 -33.46
C GLY G 113 -16.28 -10.66 -34.99
N LEU G 114 -15.44 -11.23 -32.68
N LEU G 114 -16.73 -10.34 -33.78
CA LEU G 114 -16.73 -11.58 -32.12
CA LEU G 114 -17.94 -10.91 -33.21
C LEU G 114 -17.72 -10.45 -32.31
C LEU G 114 -18.98 -9.82 -32.98
N PRO G 115 -19.00 -10.76 -32.51
N PRO G 115 -20.26 -10.09 -33.23
CA PRO G 115 -20.02 -9.71 -32.63
CA PRO G 115 -21.29 -9.07 -33.02
C PRO G 115 -20.75 -9.46 -31.31
C PRO G 115 -21.62 -8.94 -31.53
N ARG G 116 -20.89 -8.20 -30.90
N ARG G 116 -21.71 -7.70 -31.07
CA ARG G 116 -21.47 -7.93 -29.60
CA ARG G 116 -22.05 -7.41 -29.68
C ARG G 116 -22.41 -6.73 -29.66
C ARG G 116 -23.14 -6.35 -29.62
N THR G 117 -23.13 -6.54 -28.57
N THR G 117 -23.91 -6.40 -28.54
CA THR G 117 -24.25 -5.60 -28.46
CA THR G 117 -25.03 -5.50 -28.33
C THR G 117 -24.16 -4.87 -27.12
C THR G 117 -24.89 -4.83 -26.97
N THR G 118 -23.50 -3.72 -27.12
N THR G 118 -25.13 -3.52 -26.93
CA THR G 118 -23.48 -2.84 -25.96
CA THR G 118 -25.08 -2.73 -25.72
C THR G 118 -24.74 -1.99 -25.91
C THR G 118 -26.43 -2.03 -25.53
N GLN G 119 -25.12 -1.60 -24.70
N GLN G 119 -26.76 -1.71 -24.27
CA GLN G 119 -26.32 -0.81 -24.48
CA GLN G 119 -28.01 -1.06 -23.94
C GLN G 119 -26.01 0.41 -23.62
C GLN G 119 -27.75 0.15 -23.06
N SER G 120 -26.55 1.56 -24.01
N SER G 120 -28.64 1.14 -23.16
CA SER G 120 -26.43 2.78 -23.24
CA SER G 120 -28.52 2.33 -22.31
C SER G 120 -27.73 3.57 -23.40
C SER G 120 -29.88 3.01 -22.17
N GLU G 121 -28.11 4.30 -22.35
N GLU G 121 -30.22 3.33 -20.91
CA GLU G 121 -29.31 5.13 -22.40
CA GLU G 121 -31.38 4.16 -20.61
C GLU G 121 -28.90 6.59 -22.57
C GLU G 121 -31.12 5.60 -21.04
N GLU G 122 -29.47 7.26 -23.58
N GLU G 122 -32.19 6.28 -21.46
CA GLU G 122 -29.06 8.63 -23.88
CA GLU G 122 -32.05 7.65 -21.95
C GLU G 122 -30.24 9.58 -23.78
C GLU G 122 -33.25 8.50 -21.54
N THR G 123 -30.01 10.74 -23.18
N THR G 123 -32.96 9.76 -21.23
CA THR G 123 -31.01 11.81 -23.08
CA THR G 123 -33.97 10.78 -21.01
C THR G 123 -30.38 13.10 -23.57
C THR G 123 -33.46 12.09 -21.60
N ARG G 124 -30.85 13.61 -24.71
N ARG G 124 -34.32 12.79 -22.34
CA ARG G 124 -30.29 14.81 -25.32
CA ARG G 124 -33.90 14.05 -22.94
C ARG G 124 -31.33 15.92 -25.34
C ARG G 124 -34.98 15.11 -22.73
N VAL G 125 -30.85 17.14 -25.09
N VAL G 125 -34.57 16.27 -22.20
CA VAL G 125 -31.66 18.35 -25.02
CA VAL G 125 -35.48 17.39 -22.01
C VAL G 125 -31.21 19.27 -26.15
C VAL G 125 -35.21 18.42 -23.09
N TRP G 126 -32.15 19.63 -27.01
N TRP G 126 -36.27 18.89 -23.74
CA TRP G 126 -31.91 20.48 -28.16
CA TRP G 126 -36.17 19.81 -24.86
C TRP G 126 -32.49 21.86 -27.93
C TRP G 126 -36.89 21.12 -24.56
N GLN G 127 -31.73 22.89 -28.30
N GLN G 127 -36.49 22.16 -25.29
CA GLN G 127 -32.16 24.27 -28.19
CA GLN G 127 -37.10 23.48 -25.19
C GLN G 127 -32.01 24.94 -29.55
C GLN G 127 -36.98 24.18 -26.54
N LYS G 128 -33.06 25.62 -30.00
N LYS G 128 -37.98 24.99 -26.86
CA LYS G 128 -33.06 26.28 -31.30
CA LYS G 128 -38.07 25.69 -28.14
C LYS G 128 -32.43 27.66 -31.13
C LYS G 128 -37.53 27.10 -27.97
N LYS G 129 -31.18 27.80 -31.60
N LYS G 129 -36.46 27.43 -28.69
CA LYS G 129 -30.41 29.02 -31.45
CA LYS G 129 -35.81 28.74 -28.62
C LYS G 129 -30.21 29.64 -32.82
C LYS G 129 -36.00 29.46 -29.95
N LYS G 130 -30.87 30.79 -33.05
N LYS G 130 -36.92 30.43 -29.95
CA LYS G 130 -30.78 31.51 -34.33
CA LYS G 130 -37.19 31.26 -31.13
C LYS G 130 -31.21 30.62 -35.50
C LYS G 130 -37.62 30.41 -32.33
N GLY G 131 -32.34 29.94 -35.33
N GLY G 131 -38.40 29.37 -32.07
CA GLY G 131 -32.93 29.16 -36.40
CA GLY G 131 -38.97 28.55 -33.12
C GLY G 131 -32.40 27.76 -36.57
C GLY G 131 -38.22 27.27 -33.43
N VAL G 132 -31.30 27.40 -35.90
N VAL G 132 -37.00 27.10 -32.91
CA VAL G 132 -30.74 26.05 -36.01
CA VAL G 132 -36.21 25.91 -33.16
C VAL G 132 -30.89 25.34 -34.67
C VAL G 132 -36.05 25.14 -31.85
N TRP G 133 -31.10 24.04 -34.75
N TRP G 133 -35.91 23.82 -31.97
CA TRP G 133 -31.18 23.20 -33.55
CA TRP G 133 -35.81 22.93 -30.82
C TRP G 133 -29.78 22.78 -33.12
C TRP G 133 -34.36 22.58 -30.56
N LEU G 134 -29.47 22.97 -31.85
N LEU G 134 -33.94 22.70 -29.31
CA LEU G 134 -28.17 22.62 -31.30
CA LEU G 134 -32.60 22.34 -28.88
C LEU G 134 -28.36 21.78 -30.05
C LEU G 134 -32.70 21.44 -27.64
N ASN G 135 -27.50 20.78 -29.88
N ASN G 135 -31.77 20.51 -27.53
CA ASN G 135 -27.52 19.92 -28.70
CA ASN G 135 -31.76 19.58 -26.41
C ASN G 135 -26.76 20.60 -27.58
C ASN G 135 -30.94 20.14 -25.26
N VAL G 136 -27.48 21.04 -26.54
N VAL G 136 -31.53 20.17 -24.07
CA VAL G 136 -26.87 21.79 -25.45
CA VAL G 136 -30.88 20.67 -22.86
C VAL G 136 -26.56 20.93 -24.22
C VAL G 136 -31.12 19.64 -21.76
N HIS G 137 -27.01 19.69 -24.19
N HIS G 137 -30.03 19.00 -21.32
CA HIS G 137 -26.79 18.82 -23.03
CA HIS G 137 -30.01 17.96 -20.30
C HIS G 137 -27.16 17.40 -23.41
C HIS G 137 -30.55 16.62 -20.81
N PHE G 138 -26.25 16.45 -23.18
N PHE G 138 -29.67 15.61 -20.77
CA PHE G 138 -26.57 15.05 -23.35
CA PHE G 138 -30.01 14.22 -20.97
C PHE G 138 -26.13 14.28 -22.11
C PHE G 138 -29.49 13.41 -19.79
N HIS G 139 -26.87 13.21 -21.83
N HIS G 139 -30.23 12.39 -19.41
CA HIS G 139 -26.65 12.40 -20.63
CA HIS G 139 -29.95 11.57 -18.22
C HIS G 139 -26.57 10.94 -21.08
C HIS G 139 -29.59 10.15 -18.71
N ARG G 140 -25.43 10.31 -20.85
N ARG G 140 -28.37 10.02 -19.23
CA ARG G 140 -25.19 8.92 -21.21
CA ARG G 140 -27.92 8.74 -19.73
C ARG G 140 -25.14 8.08 -19.94
C ARG G 140 -27.66 7.78 -18.58
N SER G 141 -25.92 7.01 -19.91
N SER G 141 -28.16 6.56 -18.71
CA SER G 141 -26.01 6.11 -18.78
CA SER G 141 -27.94 5.51 -17.72
C SER G 141 -25.80 4.68 -19.27
C SER G 141 -27.61 4.22 -18.45
N VAL G 142 -25.43 3.80 -18.34
N VAL G 142 -27.13 3.23 -17.69
CA VAL G 142 -25.23 2.39 -18.65
CA VAL G 142 -26.83 1.91 -18.24
C VAL G 142 -25.80 1.56 -17.49
C VAL G 142 -27.29 0.86 -17.22
N SER G 143 -26.67 0.61 -17.82
N SER G 143 -27.65 -0.31 -17.73
CA SER G 143 -27.25 -0.26 -16.80
CA SER G 143 -27.95 -1.45 -16.87
C SER G 143 -26.32 -1.42 -16.49
C SER G 143 -26.69 -1.96 -16.19
N ARG G 144 -26.37 -1.88 -15.26
N ARG G 144 -26.74 -3.17 -15.65
CA ARG G 144 -25.48 -2.93 -14.78
CA ARG G 144 -25.57 -3.77 -15.02
C ARG G 144 -26.14 -4.30 -14.84
C ARG G 144 -25.33 -5.18 -15.53
#